data_7R7F
#
_entry.id   7R7F
#
_cell.length_a   199.087
_cell.length_b   60.602
_cell.length_c   95.143
_cell.angle_alpha   90.000
_cell.angle_beta   101.111
_cell.angle_gamma   90.000
#
_symmetry.space_group_name_H-M   'C 1 2 1'
#
loop_
_entity.id
_entity.type
_entity.pdbx_description
1 polymer 'Polyketide synthase'
2 non-polymer 'PYROPHOSPHATE 2-'
3 non-polymer 'stearoyl adenylate'
4 non-polymer 'MAGNESIUM ION'
5 non-polymer 'ACETATE ION'
6 water water
#
_entity_poly.entity_id   1
_entity_poly.type   'polypeptide(L)'
_entity_poly.pdbx_seq_one_letter_code
;SNAVGQFANFVDLLQYRAKLQARKTVFSFLADGEAESAALTYGELDQKAQAIAAFLQANQAQGQRALLLYPPGLEFIGAF
LGCLYAGVVAVPAYPPRPNKSFDRLHSIIQDAQAKFALTTTELKDKIADRLEALEGTDFHCLATDQVELISGKNWQKPNI
SGTDLAFLQYTSGSTGDPKGVMVSHHNLIHNSGLINQGFQDTEASMGVSWLPPYHDMGLIGGILQPIYVGATQILMPPVA
FLQRPFRWLKAINDYRVSTSGAPNFAYDLCASQITPEQIRELDLSCWRLAFSGAEPIRAVTLENFAKTFATAGFQKSAFY
PCYGMAETTLIVSGGNGAAQLPQEIIVSKQGIEANQVRPAQGTETTVTLVGSGEVIGDQIVKIVDPQALTECTVGEIGEV
WVKGESVAQGYWQKPDLTQQQFQGNVGAETGFLRTGDLGFLQGGELYITGRLKDLLIIRGRNHYPQDIELTVEVAHPALR
QGAGAAVSVDVNGEEQLVIVQEVERKYARKLNVAAVAQAIRGAIAAEHQLQPQAICFIKPGSIPKTSSGKIRRHACKAGF
LDGSLAVVGEWQ
;
_entity_poly.pdbx_strand_id   A,B
#
loop_
_chem_comp.id
_chem_comp.type
_chem_comp.name
_chem_comp.formula
1T1 non-polymer 'stearoyl adenylate' 'C28 H48 N5 O8 P'
ACT non-polymer 'ACETATE ION' 'C2 H3 O2 -1'
MG non-polymer 'MAGNESIUM ION' 'Mg 2'
POP non-polymer 'PYROPHOSPHATE 2-' 'H2 O7 P2 -2'
#
# COMPACT_ATOMS: atom_id res chain seq x y z
N VAL A 4 -10.88 20.99 0.11
CA VAL A 4 -11.74 19.85 0.38
C VAL A 4 -10.93 18.58 0.28
N GLY A 5 -9.88 18.60 -0.52
CA GLY A 5 -9.18 17.34 -0.64
C GLY A 5 -8.25 17.02 0.50
N GLN A 6 -8.25 17.82 1.56
CA GLN A 6 -7.46 17.53 2.75
C GLN A 6 -8.31 16.91 3.85
N PHE A 7 -9.54 16.51 3.55
CA PHE A 7 -10.40 15.87 4.52
C PHE A 7 -10.09 14.38 4.64
N ALA A 8 -10.04 13.90 5.88
CA ALA A 8 -9.67 12.51 6.13
C ALA A 8 -10.86 11.57 6.09
N ASN A 9 -12.08 12.09 6.13
CA ASN A 9 -13.26 11.26 6.24
C ASN A 9 -14.49 12.10 5.94
N PHE A 10 -15.61 11.41 5.68
CA PHE A 10 -16.82 12.08 5.22
C PHE A 10 -17.51 12.88 6.33
N VAL A 11 -17.32 12.53 7.60
CA VAL A 11 -17.90 13.37 8.65
C VAL A 11 -17.28 14.77 8.60
N ASP A 12 -15.95 14.84 8.64
CA ASP A 12 -15.31 16.15 8.56
C ASP A 12 -15.76 16.89 7.30
N LEU A 13 -15.83 16.18 6.17
CA LEU A 13 -16.14 16.86 4.90
C LEU A 13 -17.58 17.36 4.86
N LEU A 14 -18.55 16.56 5.34
CA LEU A 14 -19.92 17.03 5.30
C LEU A 14 -20.12 18.20 6.26
N GLN A 15 -19.52 18.13 7.44
CA GLN A 15 -19.59 19.25 8.37
C GLN A 15 -19.07 20.53 7.72
N TYR A 16 -18.00 20.41 6.92
CA TYR A 16 -17.43 21.58 6.28
C TYR A 16 -18.36 22.12 5.18
N ARG A 17 -18.93 21.23 4.38
CA ARG A 17 -19.91 21.69 3.39
C ARG A 17 -21.16 22.24 4.05
N ALA A 18 -21.55 21.68 5.21
CA ALA A 18 -22.69 22.22 5.93
C ALA A 18 -22.45 23.67 6.37
N LYS A 19 -21.19 24.09 6.47
CA LYS A 19 -20.86 25.46 6.80
C LYS A 19 -20.69 26.34 5.57
N LEU A 20 -20.00 25.83 4.55
CA LEU A 20 -19.66 26.61 3.37
C LEU A 20 -20.82 26.72 2.39
N GLN A 21 -21.70 25.71 2.30
CA GLN A 21 -22.84 25.71 1.39
C GLN A 21 -24.11 25.35 2.13
N ALA A 22 -24.28 25.92 3.34
CA ALA A 22 -25.34 25.53 4.26
C ALA A 22 -26.70 25.44 3.59
N ARG A 23 -27.03 26.41 2.74
CA ARG A 23 -28.38 26.52 2.21
C ARG A 23 -28.57 25.85 0.86
N LYS A 24 -27.52 25.26 0.28
CA LYS A 24 -27.66 24.65 -1.02
C LYS A 24 -28.31 23.28 -0.85
N THR A 25 -29.31 23.00 -1.68
CA THR A 25 -29.91 21.67 -1.69
C THR A 25 -28.83 20.66 -2.02
N VAL A 26 -28.73 19.59 -1.22
CA VAL A 26 -27.83 18.48 -1.57
C VAL A 26 -28.57 17.35 -2.25
N PHE A 27 -29.74 16.95 -1.73
CA PHE A 27 -30.58 15.94 -2.37
C PHE A 27 -32.02 16.42 -2.49
N SER A 28 -32.66 16.08 -3.60
CA SER A 28 -34.09 16.28 -3.74
C SER A 28 -34.67 14.95 -4.19
N PHE A 29 -35.68 14.48 -3.48
CA PHE A 29 -36.24 13.15 -3.78
C PHE A 29 -37.58 13.23 -4.50
N LEU A 30 -37.69 12.59 -5.66
CA LEU A 30 -38.98 12.47 -6.37
C LEU A 30 -39.49 11.06 -6.08
N ALA A 31 -40.49 10.92 -5.22
CA ALA A 31 -40.96 9.59 -4.79
C ALA A 31 -41.63 8.85 -5.94
N ASP A 32 -42.19 9.58 -6.89
CA ASP A 32 -42.76 8.97 -8.07
C ASP A 32 -41.83 9.05 -9.28
N GLY A 33 -40.66 9.65 -9.14
CA GLY A 33 -39.86 9.89 -10.32
C GLY A 33 -40.24 11.12 -11.11
N GLU A 34 -41.28 11.85 -10.71
CA GLU A 34 -41.62 13.08 -11.40
C GLU A 34 -41.70 14.28 -10.47
N ALA A 35 -42.63 14.25 -9.51
CA ALA A 35 -42.84 15.38 -8.62
C ALA A 35 -41.90 15.32 -7.45
N GLU A 36 -41.22 16.44 -7.17
CA GLU A 36 -40.44 16.55 -5.95
C GLU A 36 -41.33 16.32 -4.74
N SER A 37 -40.83 15.59 -3.75
CA SER A 37 -41.58 15.29 -2.55
C SER A 37 -40.83 15.60 -1.27
N ALA A 38 -39.51 15.78 -1.33
CA ALA A 38 -38.69 16.07 -0.17
C ALA A 38 -37.33 16.55 -0.66
N ALA A 39 -36.64 17.27 0.21
CA ALA A 39 -35.34 17.82 -0.13
C ALA A 39 -34.57 18.03 1.15
N LEU A 40 -33.25 18.05 1.03
CA LEU A 40 -32.38 18.34 2.15
C LEU A 40 -31.28 19.25 1.65
N THR A 41 -31.01 20.31 2.38
CA THR A 41 -29.79 21.07 2.15
C THR A 41 -28.60 20.42 2.88
N TYR A 42 -27.40 20.88 2.53
CA TYR A 42 -26.20 20.52 3.27
C TYR A 42 -26.34 20.86 4.74
N GLY A 43 -26.96 22.00 5.06
CA GLY A 43 -27.22 22.34 6.46
C GLY A 43 -28.11 21.34 7.17
N GLU A 44 -29.23 20.96 6.54
CA GLU A 44 -30.17 20.04 7.17
C GLU A 44 -29.65 18.62 7.19
N LEU A 45 -28.94 18.20 6.14
CA LEU A 45 -28.37 16.86 6.13
C LEU A 45 -27.39 16.68 7.29
N ASP A 46 -26.48 17.62 7.46
CA ASP A 46 -25.54 17.54 8.58
C ASP A 46 -26.26 17.57 9.92
N GLN A 47 -27.19 18.51 10.12
CA GLN A 47 -27.93 18.53 11.38
C GLN A 47 -28.69 17.23 11.61
N LYS A 48 -29.27 16.67 10.56
CA LYS A 48 -29.99 15.42 10.70
C LYS A 48 -29.06 14.27 11.08
N ALA A 49 -27.89 14.22 10.44
CA ALA A 49 -26.90 13.19 10.75
C ALA A 49 -26.49 13.25 12.21
N GLN A 50 -26.27 14.46 12.73
CA GLN A 50 -25.85 14.59 14.12
C GLN A 50 -26.96 14.14 15.06
N ALA A 51 -28.21 14.48 14.75
CA ALA A 51 -29.31 14.05 15.60
C ALA A 51 -29.43 12.53 15.61
N ILE A 52 -29.41 11.90 14.44
CA ILE A 52 -29.48 10.45 14.38
C ILE A 52 -28.24 9.83 15.05
N ALA A 53 -27.06 10.41 14.83
CA ALA A 53 -25.85 9.95 15.51
C ALA A 53 -26.02 9.97 17.03
N ALA A 54 -26.55 11.08 17.57
CA ALA A 54 -26.71 11.18 19.02
C ALA A 54 -27.71 10.16 19.54
N PHE A 55 -28.81 9.97 18.82
CA PHE A 55 -29.77 8.90 19.13
C PHE A 55 -29.09 7.52 19.10
N LEU A 56 -28.26 7.27 18.08
CA LEU A 56 -27.54 5.99 18.01
C LEU A 56 -26.56 5.81 19.17
N GLN A 57 -25.81 6.87 19.50
CA GLN A 57 -24.84 6.77 20.59
C GLN A 57 -25.50 6.50 21.93
N ALA A 58 -26.63 7.19 22.19
CA ALA A 58 -27.34 6.92 23.43
C ALA A 58 -27.87 5.51 23.45
N ASN A 59 -28.19 4.98 22.30
CA ASN A 59 -28.69 3.61 22.26
C ASN A 59 -27.58 2.59 22.22
N GLN A 60 -26.33 3.00 22.46
CA GLN A 60 -25.21 2.06 22.65
C GLN A 60 -24.86 1.32 21.38
N ALA A 61 -25.03 1.95 20.22
CA ALA A 61 -24.79 1.30 18.90
C ALA A 61 -23.36 1.55 18.41
N GLN A 62 -22.64 2.45 19.06
CA GLN A 62 -21.27 2.80 18.63
C GLN A 62 -20.38 1.56 18.72
N GLY A 63 -19.64 1.29 17.65
CA GLY A 63 -18.82 0.08 17.61
C GLY A 63 -19.61 -1.13 17.19
N GLN A 64 -20.93 -0.99 17.09
CA GLN A 64 -21.75 -2.13 16.73
C GLN A 64 -22.17 -2.05 15.27
N ARG A 65 -22.59 -3.18 14.74
CA ARG A 65 -23.15 -3.21 13.39
C ARG A 65 -24.66 -2.97 13.46
N ALA A 66 -25.16 -2.15 12.54
CA ALA A 66 -26.58 -1.85 12.49
C ALA A 66 -27.11 -2.05 11.07
N LEU A 67 -28.16 -2.84 10.93
CA LEU A 67 -28.80 -2.97 9.62
C LEU A 67 -29.51 -1.66 9.28
N LEU A 68 -29.43 -1.25 8.02
CA LEU A 68 -30.16 -0.08 7.55
C LEU A 68 -31.28 -0.59 6.63
N LEU A 69 -32.53 -0.45 7.08
CA LEU A 69 -33.70 -0.97 6.35
C LEU A 69 -34.64 0.19 6.02
N TYR A 70 -34.49 0.74 4.83
CA TYR A 70 -35.24 1.93 4.46
C TYR A 70 -35.78 1.82 3.05
N PRO A 71 -36.90 2.47 2.76
CA PRO A 71 -37.24 2.68 1.37
C PRO A 71 -36.23 3.63 0.79
N PRO A 72 -36.07 3.65 -0.54
CA PRO A 72 -35.26 4.71 -1.14
C PRO A 72 -35.87 6.03 -0.73
N GLY A 73 -35.03 6.96 -0.31
CA GLY A 73 -35.52 8.23 0.18
C GLY A 73 -34.46 8.84 1.06
N LEU A 74 -34.83 9.98 1.67
CA LEU A 74 -33.90 10.75 2.48
C LEU A 74 -33.72 10.19 3.89
N GLU A 75 -34.66 9.37 4.37
CA GLU A 75 -34.45 8.74 5.67
C GLU A 75 -33.27 7.77 5.64
N PHE A 76 -33.11 7.03 4.53
CA PHE A 76 -31.96 6.14 4.41
C PHE A 76 -30.64 6.92 4.51
N ILE A 77 -30.55 8.03 3.77
CA ILE A 77 -29.31 8.81 3.69
C ILE A 77 -28.93 9.38 5.04
N GLY A 78 -29.88 10.05 5.71
CA GLY A 78 -29.62 10.54 7.05
C GLY A 78 -29.13 9.44 7.97
N ALA A 79 -29.82 8.31 7.97
CA ALA A 79 -29.43 7.19 8.82
C ALA A 79 -28.05 6.65 8.44
N PHE A 80 -27.70 6.68 7.15
CA PHE A 80 -26.37 6.20 6.77
C PHE A 80 -25.29 7.15 7.26
N LEU A 81 -25.46 8.46 7.02
CA LEU A 81 -24.52 9.44 7.56
C LEU A 81 -24.58 9.50 9.09
N GLY A 82 -25.76 9.30 9.66
CA GLY A 82 -25.83 9.16 11.11
C GLY A 82 -24.91 8.08 11.65
N CYS A 83 -24.81 6.95 10.94
CA CYS A 83 -23.92 5.88 11.37
C CYS A 83 -22.45 6.31 11.30
N LEU A 84 -22.04 6.94 10.20
CA LEU A 84 -20.67 7.45 10.10
C LEU A 84 -20.37 8.48 11.19
N TYR A 85 -21.29 9.44 11.39
CA TYR A 85 -21.13 10.43 12.46
C TYR A 85 -21.05 9.76 13.83
N ALA A 86 -21.83 8.73 14.05
CA ALA A 86 -21.91 8.14 15.38
C ALA A 86 -20.82 7.12 15.66
N GLY A 87 -20.05 6.69 14.66
CA GLY A 87 -19.17 5.55 14.83
C GLY A 87 -19.89 4.21 14.85
N VAL A 88 -20.99 4.10 14.13
CA VAL A 88 -21.73 2.86 13.99
C VAL A 88 -21.40 2.25 12.64
N VAL A 89 -21.06 0.97 12.66
CA VAL A 89 -20.77 0.23 11.40
C VAL A 89 -22.10 -0.06 10.69
N ALA A 90 -22.45 0.79 9.73
CA ALA A 90 -23.72 0.65 9.00
C ALA A 90 -23.69 -0.59 8.10
N VAL A 91 -24.77 -1.33 8.08
CA VAL A 91 -24.87 -2.48 7.15
C VAL A 91 -26.11 -2.19 6.25
N PRO A 92 -25.99 -1.37 5.17
CA PRO A 92 -27.14 -1.14 4.30
C PRO A 92 -27.62 -2.43 3.67
N ALA A 93 -28.94 -2.56 3.57
CA ALA A 93 -29.54 -3.74 2.96
C ALA A 93 -30.87 -3.36 2.34
N TYR A 94 -31.29 -4.15 1.36
CA TYR A 94 -32.63 -4.00 0.80
C TYR A 94 -33.64 -4.19 1.92
N PRO A 95 -34.66 -3.34 1.99
CA PRO A 95 -35.63 -3.42 3.07
C PRO A 95 -36.49 -4.67 2.95
N PRO A 96 -37.13 -5.09 4.04
CA PRO A 96 -38.07 -6.22 3.93
C PRO A 96 -39.33 -5.82 3.17
N ARG A 97 -39.79 -6.72 2.34
CA ARG A 97 -40.99 -6.52 1.55
C ARG A 97 -42.16 -7.28 2.16
N PRO A 98 -43.41 -6.91 1.82
CA PRO A 98 -44.56 -7.68 2.30
C PRO A 98 -44.58 -9.09 1.73
N ASN A 99 -45.02 -10.04 2.56
CA ASN A 99 -45.17 -11.46 2.22
C ASN A 99 -43.85 -12.19 1.99
N LYS A 100 -42.70 -11.56 2.22
CA LYS A 100 -41.44 -12.25 1.98
C LYS A 100 -40.81 -12.67 3.29
N SER A 101 -40.08 -13.78 3.25
CA SER A 101 -39.36 -14.23 4.42
C SER A 101 -38.17 -13.32 4.68
N PHE A 102 -37.72 -13.30 5.92
CA PHE A 102 -36.55 -12.52 6.32
C PHE A 102 -35.25 -13.31 6.18
N ASP A 103 -35.24 -14.35 5.36
CA ASP A 103 -34.05 -15.25 5.29
C ASP A 103 -32.79 -14.47 4.91
N ARG A 104 -32.86 -13.67 3.85
CA ARG A 104 -31.67 -12.92 3.38
C ARG A 104 -31.22 -11.96 4.48
N LEU A 105 -32.17 -11.27 5.10
CA LEU A 105 -31.83 -10.26 6.12
C LEU A 105 -31.34 -10.96 7.38
N HIS A 106 -32.03 -12.01 7.82
CA HIS A 106 -31.50 -12.72 8.98
C HIS A 106 -30.06 -13.20 8.73
N SER A 107 -29.76 -13.61 7.49
CA SER A 107 -28.42 -14.11 7.19
C SER A 107 -27.37 -13.00 7.23
N ILE A 108 -27.73 -11.80 6.76
CA ILE A 108 -26.88 -10.63 6.92
C ILE A 108 -26.68 -10.27 8.39
N ILE A 109 -27.76 -10.32 9.17
CA ILE A 109 -27.64 -10.04 10.59
C ILE A 109 -26.74 -11.08 11.25
N GLN A 110 -26.94 -12.34 10.90
CA GLN A 110 -26.09 -13.40 11.45
C GLN A 110 -24.63 -13.19 11.07
N ASP A 111 -24.38 -12.88 9.80
CA ASP A 111 -22.99 -12.76 9.37
C ASP A 111 -22.32 -11.51 9.94
N ALA A 112 -23.01 -10.37 9.88
CA ALA A 112 -22.49 -9.15 10.49
C ALA A 112 -22.40 -9.22 12.01
N GLN A 113 -23.15 -10.14 12.65
CA GLN A 113 -23.35 -10.14 14.09
C GLN A 113 -23.81 -8.75 14.54
N ALA A 114 -24.82 -8.26 13.83
CA ALA A 114 -25.40 -6.94 14.13
C ALA A 114 -26.39 -7.05 15.29
N LYS A 115 -26.36 -6.09 16.20
CA LYS A 115 -27.33 -6.06 17.32
C LYS A 115 -28.39 -5.01 17.01
N PHE A 116 -28.32 -4.38 15.85
CA PHE A 116 -29.25 -3.26 15.59
C PHE A 116 -29.81 -3.24 14.17
N ALA A 117 -31.06 -2.82 14.02
CA ALA A 117 -31.67 -2.57 12.72
C ALA A 117 -32.25 -1.18 12.77
N LEU A 118 -31.80 -0.31 11.87
CA LEU A 118 -32.27 1.06 11.78
C LEU A 118 -33.26 1.13 10.63
N THR A 119 -34.42 1.72 10.88
CA THR A 119 -35.51 1.63 9.91
C THR A 119 -36.49 2.77 10.17
N THR A 120 -37.63 2.72 9.50
CA THR A 120 -38.67 3.72 9.67
C THR A 120 -39.70 3.28 10.71
N THR A 121 -40.52 4.24 11.14
CA THR A 121 -41.61 3.94 12.06
C THR A 121 -42.61 2.95 11.43
N GLU A 122 -42.95 3.15 10.15
CA GLU A 122 -43.86 2.20 9.49
C GLU A 122 -43.24 0.80 9.40
N LEU A 123 -41.95 0.70 9.08
CA LEU A 123 -41.37 -0.64 8.98
C LEU A 123 -41.16 -1.25 10.36
N LYS A 124 -40.77 -0.45 11.35
CA LYS A 124 -40.60 -1.00 12.69
C LYS A 124 -41.87 -1.65 13.17
N ASP A 125 -43.02 -1.02 12.94
CA ASP A 125 -44.28 -1.59 13.40
C ASP A 125 -44.61 -2.92 12.73
N LYS A 126 -44.13 -3.14 11.50
CA LYS A 126 -44.40 -4.40 10.81
C LYS A 126 -43.35 -5.48 11.08
N ILE A 127 -42.09 -5.11 11.34
CA ILE A 127 -41.02 -6.09 11.38
C ILE A 127 -40.41 -6.29 12.77
N ALA A 128 -40.63 -5.38 13.72
CA ALA A 128 -39.96 -5.47 15.00
C ALA A 128 -40.22 -6.79 15.70
N ASP A 129 -41.48 -7.25 15.69
CA ASP A 129 -41.79 -8.48 16.42
C ASP A 129 -41.27 -9.71 15.68
N ARG A 130 -41.16 -9.61 14.36
CA ARG A 130 -40.62 -10.71 13.59
C ARG A 130 -39.11 -10.82 13.81
N LEU A 131 -38.44 -9.66 13.85
CA LEU A 131 -37.01 -9.63 14.13
C LEU A 131 -36.70 -10.19 15.52
N GLU A 132 -37.54 -9.88 16.50
CA GLU A 132 -37.35 -10.45 17.84
C GLU A 132 -37.48 -11.97 17.81
N ALA A 133 -38.41 -12.48 17.01
CA ALA A 133 -38.57 -13.92 16.91
C ALA A 133 -37.29 -14.56 16.36
N LEU A 134 -36.69 -13.92 15.34
CA LEU A 134 -35.50 -14.44 14.69
C LEU A 134 -34.22 -14.15 15.46
N GLU A 135 -34.15 -13.02 16.15
CA GLU A 135 -32.88 -12.55 16.67
C GLU A 135 -32.82 -12.45 18.18
N GLY A 136 -33.94 -12.58 18.89
CA GLY A 136 -33.88 -12.53 20.34
C GLY A 136 -34.10 -11.14 20.93
N THR A 137 -34.39 -11.11 22.23
CA THR A 137 -34.76 -9.83 22.91
C THR A 137 -33.61 -8.82 22.86
N ASP A 138 -32.38 -9.29 22.80
CA ASP A 138 -31.17 -8.43 22.74
C ASP A 138 -31.11 -7.62 21.45
N PHE A 139 -31.70 -8.09 20.36
CA PHE A 139 -31.63 -7.35 19.09
C PHE A 139 -32.53 -6.11 19.17
N HIS A 140 -31.98 -4.97 18.79
CA HIS A 140 -32.73 -3.70 18.90
C HIS A 140 -33.15 -3.13 17.54
N CYS A 141 -34.45 -3.09 17.29
CA CYS A 141 -34.98 -2.46 16.05
C CYS A 141 -35.29 -1.00 16.37
N LEU A 142 -34.51 -0.10 15.79
CA LEU A 142 -34.66 1.32 16.09
C LEU A 142 -35.16 2.09 14.87
N ALA A 143 -36.19 2.92 15.09
CA ALA A 143 -36.66 3.84 14.06
C ALA A 143 -35.93 5.16 14.22
N THR A 144 -35.53 5.74 13.10
CA THR A 144 -34.72 6.96 13.11
C THR A 144 -35.43 8.17 12.53
N ASP A 145 -36.66 8.03 12.05
CA ASP A 145 -37.31 9.12 11.34
C ASP A 145 -38.12 10.04 12.23
N GLN A 146 -38.18 9.78 13.54
CA GLN A 146 -38.88 10.68 14.46
C GLN A 146 -37.96 11.22 15.54
N VAL A 147 -36.65 11.24 15.29
CA VAL A 147 -35.68 11.81 16.22
C VAL A 147 -35.72 13.33 16.13
N GLU A 148 -35.96 13.99 17.27
CA GLU A 148 -35.91 15.45 17.32
C GLU A 148 -34.54 15.96 16.90
N LEU A 149 -34.53 17.00 16.07
CA LEU A 149 -33.25 17.55 15.65
C LEU A 149 -32.54 18.21 16.81
N ILE A 150 -33.27 18.56 17.88
CA ILE A 150 -32.62 19.18 19.02
C ILE A 150 -31.62 18.21 19.64
N SER A 151 -31.87 16.90 19.52
CA SER A 151 -31.00 15.90 20.16
C SER A 151 -29.58 15.88 19.58
N GLY A 152 -29.37 16.43 18.38
CA GLY A 152 -28.03 16.50 17.83
C GLY A 152 -27.04 17.23 18.72
N LYS A 153 -27.54 18.05 19.66
CA LYS A 153 -26.68 18.82 20.62
C LYS A 153 -25.91 17.85 21.52
N ASN A 154 -26.42 16.63 21.69
CA ASN A 154 -25.77 15.60 22.53
C ASN A 154 -24.77 14.77 21.72
N TRP A 155 -24.60 15.06 20.43
CA TRP A 155 -23.67 14.28 19.57
C TRP A 155 -22.22 14.43 20.03
N GLN A 156 -21.58 13.31 20.31
CA GLN A 156 -20.15 13.35 20.66
C GLN A 156 -19.38 12.88 19.42
N LYS A 157 -18.68 13.81 18.79
CA LYS A 157 -17.90 13.47 17.58
C LYS A 157 -16.84 12.43 17.95
N PRO A 158 -16.76 11.24 17.31
CA PRO A 158 -15.71 10.30 17.64
C PRO A 158 -14.40 10.77 17.05
N ASN A 159 -13.29 10.21 17.53
CA ASN A 159 -12.00 10.49 16.92
C ASN A 159 -11.79 9.51 15.77
N ILE A 160 -12.21 9.89 14.57
CA ILE A 160 -12.15 8.99 13.41
C ILE A 160 -10.82 9.11 12.69
N SER A 161 -10.18 7.99 12.40
CA SER A 161 -9.04 7.95 11.50
C SER A 161 -9.44 7.16 10.26
N GLY A 162 -8.67 7.34 9.18
CA GLY A 162 -9.04 6.72 7.92
C GLY A 162 -9.11 5.20 7.99
N THR A 163 -8.25 4.60 8.80
CA THR A 163 -8.21 3.15 8.92
C THR A 163 -9.35 2.59 9.77
N ASP A 164 -10.18 3.45 10.38
CA ASP A 164 -11.33 2.96 11.13
C ASP A 164 -12.38 2.46 10.16
N LEU A 165 -13.01 1.34 10.50
CA LEU A 165 -14.03 0.77 9.63
C LEU A 165 -15.24 1.70 9.55
N ALA A 166 -15.78 1.90 8.36
CA ALA A 166 -16.93 2.83 8.22
C ALA A 166 -18.23 2.06 8.14
N PHE A 167 -18.29 1.10 7.22
CA PHE A 167 -19.53 0.32 7.05
C PHE A 167 -19.22 -1.03 6.40
N LEU A 168 -20.18 -1.94 6.46
CA LEU A 168 -20.03 -3.24 5.79
C LEU A 168 -20.87 -3.18 4.51
N GLN A 169 -20.22 -3.39 3.37
CA GLN A 169 -20.92 -3.41 2.07
C GLN A 169 -21.04 -4.87 1.67
N TYR A 170 -22.24 -5.40 1.77
CA TYR A 170 -22.47 -6.80 1.40
C TYR A 170 -22.57 -6.93 -0.11
N THR A 171 -21.92 -7.97 -0.63
CA THR A 171 -21.95 -8.23 -2.05
C THR A 171 -23.30 -8.80 -2.44
N SER A 172 -23.59 -8.75 -3.75
CA SER A 172 -24.95 -9.00 -4.20
C SER A 172 -25.43 -10.40 -3.84
N GLY A 173 -24.54 -11.37 -3.83
CA GLY A 173 -24.92 -12.76 -3.74
C GLY A 173 -25.01 -13.46 -5.07
N SER A 174 -24.39 -12.90 -6.12
CA SER A 174 -24.48 -13.48 -7.47
C SER A 174 -23.88 -14.88 -7.51
N THR A 175 -22.66 -15.04 -6.99
CA THR A 175 -21.90 -16.28 -7.08
C THR A 175 -21.94 -17.11 -5.79
N GLY A 176 -22.39 -16.54 -4.69
CA GLY A 176 -22.48 -17.27 -3.45
C GLY A 176 -23.18 -16.40 -2.43
N ASP A 177 -22.99 -16.70 -1.15
CA ASP A 177 -23.61 -15.88 -0.13
C ASP A 177 -22.96 -14.50 -0.06
N PRO A 178 -23.77 -13.43 0.12
CA PRO A 178 -23.23 -12.09 0.28
C PRO A 178 -22.14 -12.10 1.35
N LYS A 179 -21.00 -11.56 0.99
CA LYS A 179 -19.89 -11.47 1.95
C LYS A 179 -19.79 -10.00 2.38
N GLY A 180 -19.51 -9.74 3.66
CA GLY A 180 -19.47 -8.37 4.18
C GLY A 180 -18.16 -7.67 3.91
N VAL A 181 -18.16 -6.71 2.98
CA VAL A 181 -16.93 -6.01 2.64
C VAL A 181 -16.67 -4.89 3.65
N MET A 182 -15.48 -4.93 4.25
CA MET A 182 -15.08 -3.99 5.29
C MET A 182 -14.51 -2.75 4.63
N VAL A 183 -15.34 -1.72 4.52
CA VAL A 183 -14.99 -0.46 3.87
C VAL A 183 -14.55 0.54 4.93
N SER A 184 -13.31 1.01 4.82
CA SER A 184 -12.83 1.95 5.81
C SER A 184 -13.26 3.35 5.44
N HIS A 185 -13.13 4.27 6.39
CA HIS A 185 -13.36 5.68 6.11
C HIS A 185 -12.40 6.17 5.02
N HIS A 186 -11.17 5.62 5.01
CA HIS A 186 -10.19 6.02 4.01
C HIS A 186 -10.51 5.44 2.64
N ASN A 187 -10.97 4.19 2.59
CA ASN A 187 -11.50 3.66 1.34
C ASN A 187 -12.50 4.62 0.70
N LEU A 188 -13.46 5.11 1.49
CA LEU A 188 -14.48 6.03 0.96
C LEU A 188 -13.83 7.31 0.41
N ILE A 189 -12.96 7.95 1.19
CA ILE A 189 -12.37 9.20 0.75
C ILE A 189 -11.55 8.97 -0.51
N HIS A 190 -10.67 7.97 -0.46
CA HIS A 190 -9.79 7.70 -1.58
C HIS A 190 -10.58 7.41 -2.86
N ASN A 191 -11.60 6.54 -2.75
CA ASN A 191 -12.36 6.19 -3.94
C ASN A 191 -13.17 7.36 -4.46
N SER A 192 -13.77 8.15 -3.54
CA SER A 192 -14.47 9.35 -3.95
C SER A 192 -13.57 10.23 -4.80
N GLY A 193 -12.30 10.37 -4.40
CA GLY A 193 -11.36 11.09 -5.23
C GLY A 193 -11.12 10.41 -6.56
N LEU A 194 -11.04 9.08 -6.55
CA LEU A 194 -10.90 8.37 -7.82
C LEU A 194 -12.06 8.71 -8.74
N ILE A 195 -13.30 8.56 -8.24
CA ILE A 195 -14.52 8.89 -9.04
C ILE A 195 -14.44 10.31 -9.61
N ASN A 196 -13.96 11.28 -8.82
CA ASN A 196 -13.87 12.70 -9.26
C ASN A 196 -12.75 12.89 -10.29
N GLN A 197 -11.65 12.14 -10.17
CA GLN A 197 -10.52 12.24 -11.13
C GLN A 197 -11.05 11.86 -12.51
N GLY A 198 -11.96 10.89 -12.56
CA GLY A 198 -12.54 10.43 -13.83
C GLY A 198 -13.84 11.13 -14.22
N PHE A 199 -14.73 11.41 -13.27
CA PHE A 199 -15.95 12.10 -13.67
C PHE A 199 -15.72 13.59 -13.88
N GLN A 200 -14.78 14.20 -13.13
CA GLN A 200 -14.46 15.64 -13.24
C GLN A 200 -15.65 16.53 -12.91
N ASP A 201 -16.43 16.16 -11.91
CA ASP A 201 -17.55 17.00 -11.51
C ASP A 201 -17.10 18.11 -10.57
N THR A 202 -17.94 19.15 -10.55
CA THR A 202 -17.66 20.32 -9.70
C THR A 202 -18.89 20.63 -8.84
N GLU A 203 -18.85 21.72 -8.09
CA GLU A 203 -19.99 22.15 -7.24
C GLU A 203 -21.17 22.44 -8.17
N ALA A 204 -20.91 22.93 -9.38
CA ALA A 204 -21.98 23.26 -10.32
C ALA A 204 -22.61 22.02 -10.96
N SER A 205 -22.11 20.80 -10.68
CA SER A 205 -22.69 19.67 -11.39
C SER A 205 -24.08 19.37 -10.86
N MET A 206 -24.87 18.75 -11.72
CA MET A 206 -26.21 18.31 -11.37
C MET A 206 -26.36 16.85 -11.77
N GLY A 207 -26.79 16.02 -10.83
CA GLY A 207 -26.92 14.62 -11.12
C GLY A 207 -28.34 14.19 -10.93
N VAL A 208 -28.70 13.04 -11.50
CA VAL A 208 -29.93 12.34 -11.14
C VAL A 208 -29.59 10.87 -11.03
N SER A 209 -30.15 10.20 -10.02
CA SER A 209 -29.90 8.78 -9.87
C SER A 209 -31.20 8.13 -9.45
N TRP A 210 -31.51 6.99 -10.08
CA TRP A 210 -32.60 6.13 -9.66
C TRP A 210 -32.09 4.84 -9.04
N LEU A 211 -30.77 4.67 -8.99
CA LEU A 211 -30.21 3.39 -8.60
C LEU A 211 -30.57 3.12 -7.15
N PRO A 212 -30.73 1.85 -6.77
CA PRO A 212 -31.00 1.54 -5.37
C PRO A 212 -29.88 2.10 -4.51
N PRO A 213 -30.21 2.76 -3.40
CA PRO A 213 -29.18 3.41 -2.60
C PRO A 213 -28.40 2.45 -1.70
N TYR A 214 -28.80 1.18 -1.68
CA TYR A 214 -28.32 0.24 -0.67
C TYR A 214 -26.89 -0.23 -0.91
N HIS A 215 -26.42 -0.19 -2.16
CA HIS A 215 -25.08 -0.79 -2.41
C HIS A 215 -24.36 -0.23 -3.63
N ASP A 216 -23.02 -0.11 -3.54
CA ASP A 216 -22.19 0.24 -4.73
C ASP A 216 -22.61 1.51 -5.46
N MET A 217 -22.81 1.42 -6.78
CA MET A 217 -23.10 2.61 -7.62
C MET A 217 -24.13 3.54 -6.97
N GLY A 218 -25.21 3.01 -6.40
CA GLY A 218 -26.22 3.91 -5.87
C GLY A 218 -25.84 4.54 -4.56
N LEU A 219 -24.90 3.94 -3.84
CA LEU A 219 -24.56 4.43 -2.51
C LEU A 219 -23.37 5.36 -2.58
N ILE A 220 -22.20 4.77 -2.87
CA ILE A 220 -20.96 5.52 -2.91
C ILE A 220 -20.97 6.47 -4.08
N GLY A 221 -21.54 6.04 -5.20
CA GLY A 221 -21.66 6.96 -6.31
C GLY A 221 -22.85 7.88 -6.15
N GLY A 222 -24.03 7.33 -5.85
CA GLY A 222 -25.24 8.14 -5.88
C GLY A 222 -25.43 9.04 -4.67
N ILE A 223 -24.94 8.63 -3.49
CA ILE A 223 -25.13 9.39 -2.26
C ILE A 223 -23.85 10.17 -1.93
N LEU A 224 -22.72 9.48 -1.80
CA LEU A 224 -21.47 10.13 -1.33
C LEU A 224 -20.81 11.07 -2.33
N GLN A 225 -20.81 10.74 -3.62
CA GLN A 225 -20.10 11.60 -4.61
C GLN A 225 -20.71 13.01 -4.70
N PRO A 226 -22.04 13.20 -4.78
CA PRO A 226 -22.60 14.55 -4.78
C PRO A 226 -22.07 15.33 -3.58
N ILE A 227 -22.06 14.71 -2.41
CA ILE A 227 -21.54 15.33 -1.20
C ILE A 227 -20.05 15.60 -1.33
N TYR A 228 -19.29 14.63 -1.84
CA TYR A 228 -17.85 14.82 -1.97
C TYR A 228 -17.52 16.07 -2.78
N VAL A 229 -18.26 16.32 -3.87
CA VAL A 229 -17.92 17.43 -4.76
C VAL A 229 -18.73 18.68 -4.46
N GLY A 230 -19.67 18.62 -3.53
CA GLY A 230 -20.45 19.80 -3.19
C GLY A 230 -21.54 20.10 -4.19
N ALA A 231 -22.08 19.08 -4.83
CA ALA A 231 -23.02 19.25 -5.92
C ALA A 231 -24.43 19.05 -5.40
N THR A 232 -25.38 18.96 -6.33
CA THR A 232 -26.79 18.69 -6.04
C THR A 232 -27.21 17.45 -6.81
N GLN A 233 -27.87 16.53 -6.12
CA GLN A 233 -28.25 15.25 -6.69
C GLN A 233 -29.76 15.05 -6.57
N ILE A 234 -30.41 14.75 -7.69
CA ILE A 234 -31.83 14.39 -7.72
C ILE A 234 -31.96 12.88 -7.62
N LEU A 235 -32.92 12.40 -6.82
CA LEU A 235 -33.04 10.99 -6.49
C LEU A 235 -34.46 10.52 -6.72
N MET A 236 -34.61 9.34 -7.31
CA MET A 236 -35.91 8.70 -7.41
C MET A 236 -35.76 7.23 -7.10
N PRO A 237 -36.82 6.56 -6.65
CA PRO A 237 -36.71 5.14 -6.33
C PRO A 237 -36.50 4.30 -7.60
N PRO A 238 -35.82 3.17 -7.50
CA PRO A 238 -35.63 2.34 -8.69
C PRO A 238 -36.92 1.94 -9.37
N VAL A 239 -37.95 1.59 -8.60
CA VAL A 239 -39.21 1.14 -9.19
C VAL A 239 -39.82 2.22 -10.06
N ALA A 240 -39.63 3.49 -9.72
CA ALA A 240 -40.12 4.59 -10.54
C ALA A 240 -39.57 4.51 -11.97
N PHE A 241 -38.27 4.23 -12.11
CA PHE A 241 -37.66 4.14 -13.44
C PHE A 241 -38.05 2.85 -14.15
N LEU A 242 -38.05 1.72 -13.44
CA LEU A 242 -38.31 0.46 -14.12
C LEU A 242 -39.74 0.44 -14.66
N GLN A 243 -40.64 1.15 -13.98
CA GLN A 243 -42.02 1.23 -14.41
C GLN A 243 -42.24 2.23 -15.55
N ARG A 244 -41.42 3.28 -15.61
CA ARG A 244 -41.55 4.29 -16.68
C ARG A 244 -40.17 4.86 -16.98
N PRO A 245 -39.40 4.20 -17.83
CA PRO A 245 -38.03 4.65 -18.09
C PRO A 245 -37.93 6.09 -18.54
N PHE A 246 -38.98 6.62 -19.16
CA PHE A 246 -39.03 8.04 -19.53
C PHE A 246 -38.59 8.95 -18.40
N ARG A 247 -38.92 8.58 -17.14
CA ARG A 247 -38.73 9.49 -16.02
C ARG A 247 -37.25 9.80 -15.77
N TRP A 248 -36.36 8.85 -16.02
CA TRP A 248 -34.93 9.12 -15.85
C TRP A 248 -34.47 10.20 -16.81
N LEU A 249 -34.77 10.02 -18.10
CA LEU A 249 -34.31 10.97 -19.11
C LEU A 249 -35.10 12.26 -19.06
N LYS A 250 -36.38 12.18 -18.66
CA LYS A 250 -37.13 13.41 -18.39
C LYS A 250 -36.53 14.20 -17.22
N ALA A 251 -36.13 13.51 -16.16
CA ALA A 251 -35.44 14.17 -15.05
C ALA A 251 -34.15 14.83 -15.53
N ILE A 252 -33.37 14.11 -16.35
CA ILE A 252 -32.17 14.68 -16.93
C ILE A 252 -32.50 15.96 -17.71
N ASN A 253 -33.60 15.92 -18.46
CA ASN A 253 -33.99 17.08 -19.26
C ASN A 253 -34.37 18.26 -18.37
N ASP A 254 -35.24 18.01 -17.40
CA ASP A 254 -35.85 19.11 -16.63
C ASP A 254 -34.85 19.80 -15.72
N TYR A 255 -33.93 19.06 -15.12
CA TYR A 255 -32.96 19.61 -14.18
C TYR A 255 -31.62 19.97 -14.81
N ARG A 256 -31.50 19.80 -16.12
CA ARG A 256 -30.25 20.01 -16.84
C ARG A 256 -29.11 19.17 -16.24
N VAL A 257 -29.38 17.88 -16.05
CA VAL A 257 -28.43 16.98 -15.40
C VAL A 257 -27.19 16.80 -16.26
N SER A 258 -26.02 16.82 -15.61
CA SER A 258 -24.74 16.60 -16.27
C SER A 258 -24.20 15.18 -16.13
N THR A 259 -24.56 14.50 -15.05
CA THR A 259 -23.91 13.27 -14.63
C THR A 259 -24.99 12.30 -14.17
N SER A 260 -25.20 11.25 -14.95
CA SER A 260 -26.09 10.17 -14.56
C SER A 260 -25.59 8.89 -15.20
N GLY A 261 -26.00 7.75 -14.65
CA GLY A 261 -25.54 6.49 -15.20
C GLY A 261 -26.32 5.36 -14.59
N ALA A 262 -26.07 4.18 -15.10
CA ALA A 262 -26.88 3.01 -14.82
C ALA A 262 -26.17 1.77 -15.37
N PRO A 263 -26.58 0.58 -15.00
CA PRO A 263 -26.04 -0.62 -15.66
C PRO A 263 -26.52 -0.66 -17.10
N ASN A 264 -25.87 -1.53 -17.88
CA ASN A 264 -26.14 -1.65 -19.30
C ASN A 264 -27.63 -1.81 -19.61
N PHE A 265 -28.31 -2.72 -18.89
CA PHE A 265 -29.70 -3.03 -19.17
C PHE A 265 -30.60 -1.80 -19.12
N ALA A 266 -30.23 -0.80 -18.30
CA ALA A 266 -31.07 0.39 -18.20
C ALA A 266 -31.09 1.17 -19.50
N TYR A 267 -29.97 1.16 -20.23
CA TYR A 267 -29.91 1.81 -21.53
C TYR A 267 -30.75 1.08 -22.56
N ASP A 268 -30.80 -0.26 -22.51
CA ASP A 268 -31.76 -0.99 -23.36
C ASP A 268 -33.19 -0.55 -23.05
N LEU A 269 -33.54 -0.55 -21.76
CA LEU A 269 -34.89 -0.22 -21.32
C LEU A 269 -35.34 1.14 -21.84
N CYS A 270 -34.48 2.15 -21.77
CA CYS A 270 -34.86 3.45 -22.31
C CYS A 270 -35.10 3.35 -23.81
N ALA A 271 -34.18 2.69 -24.52
CA ALA A 271 -34.25 2.60 -25.96
C ALA A 271 -35.44 1.78 -26.43
N SER A 272 -35.96 0.89 -25.58
CA SER A 272 -37.10 0.12 -26.02
C SER A 272 -38.43 0.67 -25.55
N GLN A 273 -38.50 1.28 -24.37
CA GLN A 273 -39.78 1.65 -23.78
C GLN A 273 -40.14 3.13 -23.91
N ILE A 274 -39.29 3.96 -24.50
CA ILE A 274 -39.56 5.38 -24.56
C ILE A 274 -40.01 5.77 -25.97
N THR A 275 -41.24 6.29 -26.09
CA THR A 275 -41.85 6.52 -27.40
C THR A 275 -41.20 7.71 -28.11
N PRO A 276 -41.34 7.78 -29.45
CA PRO A 276 -40.75 8.90 -30.18
C PRO A 276 -41.28 10.27 -29.76
N GLU A 277 -42.57 10.38 -29.43
CA GLU A 277 -43.08 11.67 -28.98
C GLU A 277 -42.44 12.05 -27.65
N GLN A 278 -42.26 11.08 -26.76
CA GLN A 278 -41.52 11.32 -25.54
C GLN A 278 -40.11 11.80 -25.86
N ILE A 279 -39.49 11.20 -26.88
CA ILE A 279 -38.13 11.59 -27.25
C ILE A 279 -38.08 13.04 -27.69
N ARG A 280 -39.12 13.51 -28.39
CA ARG A 280 -39.19 14.91 -28.80
C ARG A 280 -39.36 15.86 -27.60
N GLU A 281 -39.71 15.35 -26.43
CA GLU A 281 -39.75 16.18 -25.24
C GLU A 281 -38.38 16.35 -24.58
N LEU A 282 -37.34 15.72 -25.12
CA LEU A 282 -36.08 15.60 -24.42
C LEU A 282 -35.01 16.48 -25.03
N ASP A 283 -34.22 17.13 -24.18
CA ASP A 283 -33.01 17.84 -24.57
C ASP A 283 -31.89 17.38 -23.63
N LEU A 284 -31.15 16.37 -24.08
CA LEU A 284 -30.07 15.77 -23.32
C LEU A 284 -28.71 16.31 -23.72
N SER A 285 -28.67 17.45 -24.43
CA SER A 285 -27.42 18.12 -24.75
C SER A 285 -26.60 18.47 -23.52
N CYS A 286 -27.26 18.63 -22.38
CA CYS A 286 -26.60 18.94 -21.11
C CYS A 286 -25.99 17.71 -20.46
N TRP A 287 -26.42 16.52 -20.88
CA TRP A 287 -25.98 15.25 -20.28
C TRP A 287 -24.58 14.93 -20.78
N ARG A 288 -23.58 15.29 -19.98
CA ARG A 288 -22.18 15.26 -20.37
C ARG A 288 -21.50 13.92 -20.04
N LEU A 289 -21.90 13.25 -18.96
CA LEU A 289 -21.27 11.99 -18.58
C LEU A 289 -22.35 10.97 -18.29
N ALA A 290 -22.44 9.93 -19.10
CA ALA A 290 -23.44 8.88 -18.98
C ALA A 290 -22.71 7.59 -18.66
N PHE A 291 -22.56 7.28 -17.38
CA PHE A 291 -21.71 6.15 -17.00
C PHE A 291 -22.48 4.84 -17.08
N SER A 292 -21.73 3.76 -17.32
CA SER A 292 -22.32 2.38 -17.36
C SER A 292 -21.40 1.39 -16.66
N GLY A 293 -21.94 0.65 -15.71
CA GLY A 293 -21.15 -0.32 -14.95
C GLY A 293 -22.06 -1.23 -14.16
N ALA A 294 -21.49 -2.23 -13.48
CA ALA A 294 -22.23 -3.21 -12.64
C ALA A 294 -22.56 -4.44 -13.48
N GLU A 295 -22.27 -4.35 -14.76
CA GLU A 295 -22.64 -5.46 -15.67
C GLU A 295 -21.89 -5.34 -17.01
N PRO A 296 -21.73 -6.42 -17.82
CA PRO A 296 -21.10 -6.30 -19.13
C PRO A 296 -21.61 -5.09 -19.92
N ILE A 297 -20.69 -4.30 -20.48
CA ILE A 297 -21.05 -3.15 -21.32
C ILE A 297 -21.09 -3.65 -22.75
N ARG A 298 -22.27 -3.59 -23.38
CA ARG A 298 -22.50 -4.20 -24.68
C ARG A 298 -22.47 -3.14 -25.76
N ALA A 299 -21.69 -3.39 -26.81
CA ALA A 299 -21.52 -2.42 -27.90
C ALA A 299 -22.83 -2.16 -28.61
N VAL A 300 -23.64 -3.20 -28.79
CA VAL A 300 -24.91 -2.98 -29.47
C VAL A 300 -25.83 -2.11 -28.61
N THR A 301 -25.75 -2.29 -27.29
CA THR A 301 -26.55 -1.48 -26.39
C THR A 301 -26.16 0.00 -26.48
N LEU A 302 -24.85 0.29 -26.45
CA LEU A 302 -24.39 1.66 -26.60
C LEU A 302 -24.90 2.28 -27.89
N GLU A 303 -24.79 1.53 -28.99
CA GLU A 303 -25.16 2.07 -30.29
C GLU A 303 -26.66 2.32 -30.39
N ASN A 304 -27.46 1.41 -29.84
CA ASN A 304 -28.90 1.57 -29.94
C ASN A 304 -29.37 2.79 -29.15
N PHE A 305 -28.78 3.01 -27.98
CA PHE A 305 -29.10 4.20 -27.21
C PHE A 305 -28.67 5.46 -27.95
N ALA A 306 -27.40 5.53 -28.37
CA ALA A 306 -26.92 6.72 -29.08
C ALA A 306 -27.76 7.00 -30.32
N LYS A 307 -28.18 5.95 -31.02
CA LYS A 307 -29.00 6.15 -32.22
C LYS A 307 -30.44 6.48 -31.87
N THR A 308 -31.00 5.93 -30.79
CA THR A 308 -32.38 6.22 -30.46
C THR A 308 -32.55 7.64 -29.93
N PHE A 309 -31.51 8.18 -29.29
CA PHE A 309 -31.62 9.46 -28.62
C PHE A 309 -30.75 10.54 -29.25
N ALA A 310 -30.18 10.27 -30.43
CA ALA A 310 -29.40 11.29 -31.12
C ALA A 310 -30.25 12.52 -31.41
N THR A 311 -31.50 12.31 -31.86
CA THR A 311 -32.42 13.40 -32.15
C THR A 311 -32.82 14.17 -30.90
N ALA A 312 -32.64 13.59 -29.72
CA ALA A 312 -32.84 14.30 -28.47
C ALA A 312 -31.57 14.98 -27.99
N GLY A 313 -30.47 14.90 -28.75
CA GLY A 313 -29.24 15.58 -28.42
C GLY A 313 -28.28 14.81 -27.54
N PHE A 314 -28.57 13.55 -27.24
CA PHE A 314 -27.58 12.75 -26.55
C PHE A 314 -26.43 12.48 -27.51
N GLN A 315 -25.21 12.66 -27.03
CA GLN A 315 -24.02 12.41 -27.83
C GLN A 315 -23.38 11.11 -27.33
N LYS A 316 -22.95 10.27 -28.29
CA LYS A 316 -22.39 8.99 -27.90
C LYS A 316 -21.10 9.15 -27.09
N SER A 317 -20.40 10.27 -27.27
CA SER A 317 -19.17 10.56 -26.53
C SER A 317 -19.42 10.83 -25.05
N ALA A 318 -20.68 11.04 -24.63
CA ALA A 318 -20.95 11.16 -23.20
C ALA A 318 -20.76 9.84 -22.45
N PHE A 319 -20.81 8.70 -23.16
CA PHE A 319 -20.74 7.41 -22.48
C PHE A 319 -19.43 7.27 -21.71
N TYR A 320 -19.54 6.87 -20.43
CA TYR A 320 -18.40 6.73 -19.54
C TYR A 320 -18.43 5.30 -19.02
N PRO A 321 -17.77 4.37 -19.71
CA PRO A 321 -17.68 3.00 -19.20
C PRO A 321 -16.80 2.94 -17.96
N CYS A 322 -17.16 2.07 -17.02
CA CYS A 322 -16.44 1.98 -15.78
C CYS A 322 -16.60 0.59 -15.17
N TYR A 323 -15.63 0.24 -14.35
CA TYR A 323 -15.59 -1.07 -13.71
C TYR A 323 -15.17 -0.91 -12.26
N GLY A 324 -15.75 -1.76 -11.41
CA GLY A 324 -15.37 -1.77 -9.99
C GLY A 324 -16.21 -2.75 -9.22
N MET A 325 -15.97 -2.85 -7.92
CA MET A 325 -16.68 -3.84 -7.09
C MET A 325 -16.71 -3.37 -5.63
N ALA A 326 -17.47 -4.06 -4.79
CA ALA A 326 -17.52 -3.74 -3.35
C ALA A 326 -16.10 -3.84 -2.76
N GLU A 327 -15.35 -4.86 -3.17
CA GLU A 327 -14.02 -5.08 -2.61
C GLU A 327 -13.06 -3.95 -2.95
N THR A 328 -13.38 -3.18 -3.99
CA THR A 328 -12.53 -2.01 -4.36
C THR A 328 -13.27 -0.74 -3.96
N THR A 329 -14.18 -0.83 -2.98
CA THR A 329 -15.04 0.32 -2.55
C THR A 329 -16.03 0.62 -3.67
N LEU A 330 -15.53 1.01 -4.85
CA LEU A 330 -16.41 1.19 -6.04
C LEU A 330 -15.53 1.22 -7.29
N ILE A 331 -15.17 2.41 -7.78
CA ILE A 331 -14.45 2.50 -9.08
C ILE A 331 -13.00 1.98 -9.09
N VAL A 332 -12.62 1.33 -10.19
CA VAL A 332 -11.21 0.90 -10.42
C VAL A 332 -10.80 1.58 -11.73
N SER A 333 -11.64 1.45 -12.77
CA SER A 333 -11.27 2.00 -14.06
C SER A 333 -12.46 2.77 -14.63
N GLY A 334 -12.16 3.66 -15.57
CA GLY A 334 -13.24 4.38 -16.21
C GLY A 334 -12.71 5.23 -17.34
N GLY A 335 -13.64 5.75 -18.13
CA GLY A 335 -13.31 6.68 -19.18
C GLY A 335 -13.04 6.01 -20.53
N ASN A 336 -12.68 6.87 -21.48
CA ASN A 336 -12.31 6.44 -22.83
C ASN A 336 -10.89 6.82 -23.17
N GLY A 337 -10.10 7.25 -22.19
CA GLY A 337 -8.74 7.71 -22.47
C GLY A 337 -8.77 8.96 -23.31
N ALA A 338 -7.97 8.97 -24.37
CA ALA A 338 -7.94 10.12 -25.27
C ALA A 338 -8.95 9.99 -26.41
N ALA A 339 -9.69 8.89 -26.48
CA ALA A 339 -10.74 8.72 -27.49
C ALA A 339 -12.01 9.47 -27.10
N GLN A 340 -12.81 9.81 -28.13
CA GLN A 340 -14.08 10.49 -27.90
C GLN A 340 -15.18 9.51 -27.48
N LEU A 341 -15.21 8.32 -28.05
CA LEU A 341 -16.21 7.29 -27.84
C LEU A 341 -15.63 6.12 -27.04
N PRO A 342 -16.47 5.33 -26.37
CA PRO A 342 -15.96 4.11 -25.71
C PRO A 342 -15.19 3.20 -26.65
N GLN A 343 -13.97 2.84 -26.25
CA GLN A 343 -13.10 2.00 -27.07
C GLN A 343 -13.66 0.59 -27.20
N GLU A 344 -13.62 0.08 -28.41
CA GLU A 344 -14.15 -1.24 -28.75
C GLU A 344 -13.10 -1.97 -29.57
N ILE A 345 -13.00 -3.27 -29.34
CA ILE A 345 -12.11 -4.13 -30.12
C ILE A 345 -12.97 -5.23 -30.73
N ILE A 346 -12.63 -5.64 -31.94
CA ILE A 346 -13.26 -6.77 -32.59
C ILE A 346 -12.22 -7.87 -32.64
N VAL A 347 -12.45 -8.95 -31.89
CA VAL A 347 -11.45 -10.01 -31.68
C VAL A 347 -12.03 -11.36 -32.04
N SER A 348 -11.14 -12.36 -32.08
CA SER A 348 -11.56 -13.71 -32.37
C SER A 348 -12.37 -14.29 -31.20
N LYS A 349 -13.56 -14.81 -31.52
CA LYS A 349 -14.41 -15.43 -30.51
C LYS A 349 -13.75 -16.67 -29.92
N GLN A 350 -13.19 -17.53 -30.77
CA GLN A 350 -12.55 -18.76 -30.30
C GLN A 350 -11.26 -18.47 -29.56
N GLY A 351 -10.58 -17.37 -29.89
CA GLY A 351 -9.44 -16.95 -29.08
C GLY A 351 -9.85 -16.67 -27.64
N ILE A 352 -10.95 -15.94 -27.46
CA ILE A 352 -11.48 -15.65 -26.12
C ILE A 352 -11.75 -16.94 -25.36
N GLU A 353 -12.45 -17.89 -26.00
CA GLU A 353 -12.63 -19.21 -25.39
C GLU A 353 -11.29 -19.86 -25.03
N ALA A 354 -10.18 -19.38 -25.58
CA ALA A 354 -8.86 -19.93 -25.30
C ALA A 354 -7.97 -18.97 -24.52
N ASN A 355 -8.55 -17.95 -23.87
CA ASN A 355 -7.81 -16.97 -23.04
C ASN A 355 -6.80 -16.16 -23.86
N GLN A 356 -7.16 -15.87 -25.11
CA GLN A 356 -6.30 -15.11 -25.99
C GLN A 356 -7.09 -13.98 -26.64
N VAL A 357 -6.46 -12.82 -26.76
CA VAL A 357 -7.08 -11.67 -27.39
C VAL A 357 -6.33 -11.43 -28.68
N ARG A 358 -6.99 -11.65 -29.81
CA ARG A 358 -6.32 -11.55 -31.09
C ARG A 358 -7.38 -11.48 -32.18
N PRO A 359 -7.04 -10.94 -33.34
CA PRO A 359 -8.02 -10.86 -34.43
C PRO A 359 -8.37 -12.25 -34.92
N ALA A 360 -9.49 -12.33 -35.64
CA ALA A 360 -9.92 -13.60 -36.24
C ALA A 360 -8.99 -13.94 -37.39
N GLN A 361 -8.59 -15.21 -37.47
CA GLN A 361 -7.73 -15.66 -38.56
C GLN A 361 -8.33 -16.88 -39.26
N GLU A 364 -13.04 -18.13 -38.76
CA GLU A 364 -13.52 -18.10 -37.38
C GLU A 364 -14.21 -16.76 -37.06
N THR A 365 -15.12 -16.79 -36.09
CA THR A 365 -16.03 -15.66 -35.87
C THR A 365 -15.45 -14.64 -34.90
N THR A 366 -16.12 -13.51 -34.84
CA THR A 366 -15.67 -12.35 -34.07
C THR A 366 -16.68 -11.98 -33.00
N VAL A 367 -16.16 -11.45 -31.89
CA VAL A 367 -16.97 -10.80 -30.88
C VAL A 367 -16.43 -9.37 -30.72
N THR A 368 -17.32 -8.44 -30.39
CA THR A 368 -16.98 -7.05 -30.18
C THR A 368 -17.02 -6.76 -28.69
N LEU A 369 -15.90 -6.28 -28.14
CA LEU A 369 -15.77 -6.08 -26.71
C LEU A 369 -15.54 -4.60 -26.43
N VAL A 370 -16.20 -4.11 -25.39
CA VAL A 370 -16.13 -2.70 -25.00
C VAL A 370 -15.22 -2.59 -23.80
N GLY A 371 -14.32 -1.60 -23.84
CA GLY A 371 -13.46 -1.35 -22.72
C GLY A 371 -14.24 -0.83 -21.52
N SER A 372 -13.80 -1.20 -20.33
CA SER A 372 -14.39 -0.68 -19.12
C SER A 372 -13.57 0.47 -18.54
N GLY A 373 -12.83 1.16 -19.39
CA GLY A 373 -12.13 2.38 -19.01
C GLY A 373 -10.68 2.11 -18.68
N GLU A 374 -9.96 3.22 -18.46
CA GLU A 374 -8.58 3.20 -18.00
C GLU A 374 -8.55 3.26 -16.48
N VAL A 375 -7.59 2.55 -15.88
CA VAL A 375 -7.43 2.50 -14.44
C VAL A 375 -7.16 3.90 -13.89
N ILE A 376 -7.97 4.33 -12.93
CA ILE A 376 -7.92 5.72 -12.44
C ILE A 376 -6.88 5.87 -11.34
N GLY A 377 -6.07 6.90 -11.45
CA GLY A 377 -5.26 7.34 -10.33
C GLY A 377 -4.08 6.45 -9.99
N ASP A 378 -3.81 6.36 -8.68
CA ASP A 378 -2.59 5.77 -8.14
C ASP A 378 -2.73 4.28 -7.81
N GLN A 379 -3.70 3.58 -8.40
CA GLN A 379 -3.88 2.17 -8.17
C GLN A 379 -3.22 1.36 -9.30
N ILE A 380 -3.07 0.05 -9.09
CA ILE A 380 -2.38 -0.85 -10.02
C ILE A 380 -3.31 -2.02 -10.34
N VAL A 381 -3.41 -2.36 -11.62
CA VAL A 381 -4.18 -3.52 -12.05
C VAL A 381 -3.25 -4.42 -12.82
N LYS A 382 -3.26 -5.71 -12.51
CA LYS A 382 -2.50 -6.68 -13.30
C LYS A 382 -3.40 -7.83 -13.71
N ILE A 383 -3.06 -8.46 -14.81
CA ILE A 383 -3.79 -9.60 -15.32
C ILE A 383 -3.00 -10.84 -14.93
N VAL A 384 -3.55 -11.68 -14.06
CA VAL A 384 -2.82 -12.81 -13.48
C VAL A 384 -3.53 -14.11 -13.78
N ASP A 385 -2.76 -15.13 -14.15
CA ASP A 385 -3.28 -16.49 -14.32
C ASP A 385 -3.82 -16.99 -12.98
N PRO A 386 -5.11 -17.31 -12.86
CA PRO A 386 -5.69 -17.57 -11.53
C PRO A 386 -5.24 -18.88 -10.89
N GLN A 387 -4.60 -19.76 -11.66
CA GLN A 387 -4.10 -21.03 -11.15
C GLN A 387 -2.60 -21.01 -10.90
N ALA A 388 -1.79 -20.70 -11.93
CA ALA A 388 -0.34 -20.62 -11.75
C ALA A 388 0.08 -19.37 -10.99
N LEU A 389 -0.81 -18.39 -10.82
CA LEU A 389 -0.51 -17.14 -10.12
C LEU A 389 0.70 -16.44 -10.74
N THR A 390 0.81 -16.46 -12.06
CA THR A 390 1.85 -15.75 -12.79
C THR A 390 1.21 -14.70 -13.67
N GLU A 391 1.92 -13.59 -13.89
CA GLU A 391 1.34 -12.48 -14.63
C GLU A 391 1.20 -12.82 -16.11
N CYS A 392 0.06 -12.50 -16.69
CA CYS A 392 -0.10 -12.69 -18.12
C CYS A 392 0.70 -11.64 -18.88
N THR A 393 1.11 -11.99 -20.10
CA THR A 393 1.64 -11.00 -21.01
C THR A 393 0.50 -10.45 -21.86
N VAL A 394 0.82 -9.53 -22.76
CA VAL A 394 -0.26 -8.86 -23.47
C VAL A 394 -0.86 -9.82 -24.50
N GLY A 395 -2.18 -9.69 -24.70
CA GLY A 395 -2.94 -10.64 -25.49
C GLY A 395 -3.45 -11.84 -24.73
N GLU A 396 -3.19 -11.92 -23.42
CA GLU A 396 -3.58 -13.06 -22.59
C GLU A 396 -4.65 -12.62 -21.60
N ILE A 397 -5.69 -13.42 -21.47
CA ILE A 397 -6.77 -13.19 -20.52
C ILE A 397 -6.48 -13.91 -19.22
N GLY A 398 -6.69 -13.22 -18.10
CA GLY A 398 -6.52 -13.84 -16.81
C GLY A 398 -7.36 -13.16 -15.75
N GLU A 399 -7.12 -13.45 -14.48
CA GLU A 399 -7.90 -12.82 -13.43
C GLU A 399 -7.40 -11.41 -13.21
N VAL A 400 -8.34 -10.49 -13.05
CA VAL A 400 -8.00 -9.09 -12.80
C VAL A 400 -7.62 -8.95 -11.34
N TRP A 401 -6.41 -8.47 -11.09
CA TRP A 401 -5.89 -8.23 -9.75
C TRP A 401 -5.76 -6.73 -9.57
N VAL A 402 -6.25 -6.22 -8.46
CA VAL A 402 -6.20 -4.76 -8.17
C VAL A 402 -5.40 -4.47 -6.89
N LYS A 403 -4.44 -3.56 -6.98
CA LYS A 403 -3.71 -3.12 -5.77
C LYS A 403 -3.90 -1.60 -5.63
N GLY A 404 -4.30 -1.17 -4.45
CA GLY A 404 -4.50 0.27 -4.23
C GLY A 404 -5.19 0.58 -2.92
N GLU A 405 -5.24 1.86 -2.57
CA GLU A 405 -5.85 2.26 -1.30
C GLU A 405 -7.38 2.24 -1.29
N SER A 406 -8.05 2.11 -2.43
CA SER A 406 -9.49 1.83 -2.42
C SER A 406 -9.82 0.37 -2.20
N VAL A 407 -8.84 -0.52 -2.19
CA VAL A 407 -9.09 -1.91 -1.83
C VAL A 407 -9.48 -1.98 -0.35
N ALA A 408 -10.64 -2.59 -0.09
CA ALA A 408 -11.21 -2.67 1.26
C ALA A 408 -10.32 -3.46 2.23
N GLN A 409 -10.71 -3.52 3.50
CA GLN A 409 -9.89 -4.18 4.51
C GLN A 409 -10.00 -5.70 4.51
N GLY A 410 -10.99 -6.23 3.81
CA GLY A 410 -11.21 -7.68 3.73
C GLY A 410 -12.67 -8.05 3.85
N TYR A 411 -12.95 -9.29 4.24
CA TYR A 411 -14.33 -9.75 4.44
C TYR A 411 -14.59 -9.89 5.93
N TRP A 412 -15.75 -9.40 6.38
CA TRP A 412 -16.12 -9.46 7.83
C TRP A 412 -16.13 -10.91 8.36
N GLN A 413 -15.31 -11.19 9.37
CA GLN A 413 -15.28 -12.52 10.04
C GLN A 413 -15.06 -13.65 9.05
N LYS A 414 -14.31 -13.40 7.99
CA LYS A 414 -13.97 -14.47 7.02
C LYS A 414 -12.44 -14.42 6.83
N PRO A 415 -11.63 -14.78 7.86
CA PRO A 415 -10.18 -14.64 7.77
C PRO A 415 -9.51 -15.49 6.68
N ASP A 416 -9.99 -16.70 6.49
CA ASP A 416 -9.46 -17.57 5.44
C ASP A 416 -9.69 -16.96 4.06
N LEU A 417 -10.95 -16.66 3.74
CA LEU A 417 -11.23 -16.07 2.43
C LEU A 417 -10.52 -14.73 2.26
N THR A 418 -10.48 -13.90 3.32
CA THR A 418 -9.75 -12.63 3.27
C THR A 418 -8.29 -12.84 2.92
N GLN A 419 -7.59 -13.69 3.67
CA GLN A 419 -6.21 -13.99 3.34
C GLN A 419 -6.06 -14.46 1.89
N GLN A 420 -6.97 -15.33 1.44
CA GLN A 420 -6.88 -15.89 0.09
C GLN A 420 -7.08 -14.84 -1.00
N GLN A 421 -8.12 -13.99 -0.85
CA GLN A 421 -8.51 -13.07 -1.91
C GLN A 421 -7.85 -11.71 -1.81
N PHE A 422 -7.42 -11.28 -0.62
CA PHE A 422 -6.82 -9.93 -0.45
C PHE A 422 -5.29 -9.98 -0.39
N GLN A 423 -4.72 -11.16 -0.14
CA GLN A 423 -3.24 -11.31 -0.15
C GLN A 423 -2.79 -11.97 -1.45
N GLY A 424 -2.99 -11.28 -2.57
CA GLY A 424 -2.61 -11.83 -3.87
C GLY A 424 -1.14 -11.63 -4.15
N ASN A 425 -0.41 -12.73 -4.31
CA ASN A 425 1.00 -12.61 -4.68
C ASN A 425 1.22 -13.09 -6.11
N VAL A 426 2.04 -12.36 -6.86
CA VAL A 426 2.37 -12.71 -8.24
C VAL A 426 3.77 -12.19 -8.51
N GLY A 427 4.63 -13.09 -9.02
CA GLY A 427 6.02 -12.72 -9.20
C GLY A 427 6.57 -12.10 -7.94
N ALA A 428 7.14 -10.91 -8.08
CA ALA A 428 7.71 -10.20 -6.95
C ALA A 428 6.70 -9.32 -6.25
N GLU A 429 5.42 -9.45 -6.60
CA GLU A 429 4.37 -8.58 -6.09
C GLU A 429 3.59 -9.24 -4.96
N THR A 430 3.11 -8.42 -4.02
CA THR A 430 2.25 -8.87 -2.93
C THR A 430 1.07 -7.92 -2.78
N GLY A 431 0.12 -8.31 -1.95
CA GLY A 431 -0.94 -7.40 -1.51
C GLY A 431 -1.99 -7.06 -2.54
N PHE A 432 -2.22 -7.94 -3.51
CA PHE A 432 -3.20 -7.73 -4.57
C PHE A 432 -4.55 -8.28 -4.20
N LEU A 433 -5.61 -7.60 -4.60
CA LEU A 433 -6.95 -8.10 -4.46
C LEU A 433 -7.31 -8.95 -5.66
N ARG A 434 -7.82 -10.13 -5.41
CA ARG A 434 -8.27 -11.02 -6.47
C ARG A 434 -9.74 -10.75 -6.73
N THR A 435 -10.05 -10.14 -7.87
CA THR A 435 -11.40 -9.64 -8.13
C THR A 435 -12.36 -10.80 -8.39
N GLY A 436 -11.85 -11.92 -8.87
CA GLY A 436 -12.73 -12.95 -9.36
C GLY A 436 -13.33 -12.63 -10.70
N ASP A 437 -12.79 -11.64 -11.39
CA ASP A 437 -13.23 -11.29 -12.72
C ASP A 437 -12.12 -11.62 -13.70
N LEU A 438 -12.50 -12.07 -14.88
CA LEU A 438 -11.55 -12.36 -15.93
C LEU A 438 -11.52 -11.17 -16.86
N GLY A 439 -10.37 -10.94 -17.49
CA GLY A 439 -10.25 -9.84 -18.42
C GLY A 439 -8.83 -9.66 -18.90
N PHE A 440 -8.55 -8.46 -19.38
CA PHE A 440 -7.26 -8.21 -20.00
C PHE A 440 -7.08 -6.71 -20.20
N LEU A 441 -5.83 -6.32 -20.40
CA LEU A 441 -5.48 -4.94 -20.67
C LEU A 441 -5.13 -4.79 -22.14
N GLN A 442 -5.74 -3.80 -22.79
CA GLN A 442 -5.49 -3.51 -24.19
C GLN A 442 -5.67 -2.03 -24.44
N GLY A 443 -4.63 -1.41 -25.01
CA GLY A 443 -4.72 -0.01 -25.39
C GLY A 443 -4.92 0.90 -24.21
N GLY A 444 -4.31 0.56 -23.08
CA GLY A 444 -4.48 1.28 -21.85
C GLY A 444 -5.80 1.08 -21.17
N GLU A 445 -6.71 0.32 -21.75
CA GLU A 445 -8.02 0.10 -21.17
C GLU A 445 -8.11 -1.31 -20.61
N LEU A 446 -9.00 -1.44 -19.64
CA LEU A 446 -9.34 -2.68 -18.96
C LEU A 446 -10.60 -3.25 -19.58
N TYR A 447 -10.51 -4.43 -20.15
CA TYR A 447 -11.68 -5.12 -20.65
C TYR A 447 -12.02 -6.24 -19.68
N ILE A 448 -13.30 -6.40 -19.38
CA ILE A 448 -13.75 -7.47 -18.52
C ILE A 448 -14.52 -8.48 -19.35
N THR A 449 -14.10 -9.74 -19.29
CA THR A 449 -14.80 -10.79 -20.02
C THR A 449 -15.83 -11.53 -19.16
N GLY A 450 -15.62 -11.65 -17.86
CA GLY A 450 -16.60 -12.31 -17.03
C GLY A 450 -16.08 -12.65 -15.66
N ARG A 451 -16.91 -13.38 -14.92
CA ARG A 451 -16.59 -13.83 -13.57
C ARG A 451 -15.97 -15.21 -13.63
N LEU A 452 -14.82 -15.37 -12.97
CA LEU A 452 -14.15 -16.66 -12.89
C LEU A 452 -15.06 -17.75 -12.32
N LYS A 453 -15.79 -17.45 -11.24
CA LYS A 453 -16.58 -18.48 -10.60
C LYS A 453 -17.72 -18.99 -11.50
N ASP A 454 -18.20 -18.18 -12.43
CA ASP A 454 -19.32 -18.58 -13.28
C ASP A 454 -18.88 -19.19 -14.61
N LEU A 455 -17.58 -19.16 -14.90
CA LEU A 455 -17.05 -19.63 -16.16
C LEU A 455 -17.41 -21.09 -16.38
N LEU A 456 -17.85 -21.39 -17.61
CA LEU A 456 -18.24 -22.72 -18.04
C LEU A 456 -17.05 -23.40 -18.72
N ILE A 457 -16.61 -24.53 -18.18
CA ILE A 457 -15.54 -25.31 -18.78
C ILE A 457 -16.14 -26.61 -19.24
N ILE A 458 -16.39 -26.70 -20.54
CA ILE A 458 -17.07 -27.91 -21.09
C ILE A 458 -16.27 -28.38 -22.31
N ARG A 459 -15.97 -29.68 -22.38
CA ARG A 459 -15.32 -30.24 -23.58
C ARG A 459 -14.01 -29.51 -23.86
N GLY A 460 -13.26 -29.17 -22.82
CA GLY A 460 -11.91 -28.57 -23.00
C GLY A 460 -11.89 -27.11 -23.37
N ARG A 461 -13.05 -26.48 -23.49
CA ARG A 461 -13.09 -25.10 -23.91
C ARG A 461 -13.80 -24.27 -22.86
N ASN A 462 -13.42 -22.98 -22.79
CA ASN A 462 -14.01 -22.04 -21.87
C ASN A 462 -15.21 -21.38 -22.56
N HIS A 463 -16.26 -21.13 -21.80
CA HIS A 463 -17.44 -20.45 -22.29
C HIS A 463 -17.94 -19.49 -21.23
N TYR A 464 -18.27 -18.31 -21.65
CA TYR A 464 -18.80 -17.33 -20.70
C TYR A 464 -20.33 -17.46 -20.64
N PRO A 465 -20.90 -17.62 -19.44
CA PRO A 465 -22.34 -17.85 -19.36
C PRO A 465 -23.16 -16.72 -19.95
N GLN A 466 -22.71 -15.47 -19.80
CA GLN A 466 -23.47 -14.35 -20.33
C GLN A 466 -23.56 -14.40 -21.84
N ASP A 467 -22.52 -14.91 -22.52
CA ASP A 467 -22.55 -15.04 -23.96
C ASP A 467 -23.61 -16.06 -24.40
N ILE A 468 -23.68 -17.19 -23.70
CA ILE A 468 -24.64 -18.22 -24.07
C ILE A 468 -26.06 -17.77 -23.77
N GLU A 469 -26.28 -17.14 -22.60
CA GLU A 469 -27.63 -16.66 -22.24
C GLU A 469 -28.13 -15.64 -23.26
N LEU A 470 -27.24 -14.78 -23.76
CA LEU A 470 -27.64 -13.84 -24.79
C LEU A 470 -28.09 -14.56 -26.05
N THR A 471 -27.45 -15.70 -26.35
CA THR A 471 -27.86 -16.50 -27.51
C THR A 471 -29.21 -17.17 -27.27
N VAL A 472 -29.48 -17.60 -26.04
CA VAL A 472 -30.74 -18.32 -25.73
C VAL A 472 -31.93 -17.36 -25.75
N GLU A 473 -31.74 -16.13 -25.25
CA GLU A 473 -32.87 -15.18 -25.12
C GLU A 473 -33.48 -14.85 -26.49
N VAL A 474 -32.64 -14.64 -27.49
CA VAL A 474 -33.11 -14.19 -28.83
C VAL A 474 -33.53 -15.39 -29.68
N ALA A 475 -33.32 -16.60 -29.18
CA ALA A 475 -33.57 -17.77 -30.03
C ALA A 475 -35.05 -18.00 -30.29
N HIS A 476 -35.94 -17.42 -29.48
CA HIS A 476 -37.37 -17.67 -29.62
C HIS A 476 -38.16 -16.57 -28.92
N PRO A 477 -39.29 -16.16 -29.46
CA PRO A 477 -40.09 -15.11 -28.80
C PRO A 477 -40.62 -15.48 -27.41
N ALA A 478 -40.77 -16.77 -27.11
CA ALA A 478 -41.30 -17.22 -25.84
C ALA A 478 -40.38 -16.98 -24.65
N LEU A 479 -39.14 -16.60 -24.87
CA LEU A 479 -38.13 -16.57 -23.80
C LEU A 479 -37.88 -15.14 -23.33
N ARG A 480 -37.86 -14.95 -22.02
CA ARG A 480 -37.72 -13.60 -21.47
C ARG A 480 -36.27 -13.16 -21.43
N GLN A 481 -36.01 -11.97 -21.93
CA GLN A 481 -34.63 -11.41 -21.87
C GLN A 481 -34.27 -11.14 -20.42
N GLY A 482 -33.01 -11.36 -20.06
CA GLY A 482 -32.52 -11.02 -18.71
C GLY A 482 -32.92 -12.05 -17.68
N ALA A 483 -33.57 -13.11 -18.11
CA ALA A 483 -34.07 -14.08 -17.12
C ALA A 483 -33.65 -15.50 -17.48
N GLY A 484 -32.38 -15.70 -17.81
CA GLY A 484 -31.89 -17.05 -18.08
C GLY A 484 -30.52 -17.26 -17.47
N ALA A 485 -30.16 -18.54 -17.32
CA ALA A 485 -28.86 -18.92 -16.75
C ALA A 485 -28.26 -20.10 -17.51
N ALA A 486 -26.98 -19.99 -17.87
CA ALA A 486 -26.22 -21.11 -18.44
C ALA A 486 -25.28 -21.64 -17.37
N VAL A 487 -25.52 -22.88 -16.99
CA VAL A 487 -24.74 -23.52 -15.91
C VAL A 487 -24.16 -24.85 -16.40
N SER A 488 -23.14 -25.36 -15.72
CA SER A 488 -22.52 -26.64 -16.08
C SER A 488 -22.80 -27.66 -14.99
N VAL A 489 -23.20 -28.88 -15.34
CA VAL A 489 -23.49 -29.94 -14.36
C VAL A 489 -22.64 -31.16 -14.66
N ASP A 490 -22.36 -31.96 -13.64
CA ASP A 490 -21.61 -33.19 -13.85
C ASP A 490 -22.52 -34.29 -14.36
N VAL A 491 -22.22 -34.79 -15.56
CA VAL A 491 -22.82 -36.00 -16.10
C VAL A 491 -21.69 -37.02 -16.19
N ASN A 492 -21.70 -37.98 -15.27
CA ASN A 492 -20.75 -39.09 -15.21
C ASN A 492 -19.30 -38.62 -15.27
N GLY A 493 -18.99 -37.55 -14.55
CA GLY A 493 -17.63 -37.05 -14.50
C GLY A 493 -17.26 -36.02 -15.53
N GLU A 494 -18.21 -35.61 -16.38
CA GLU A 494 -18.01 -34.59 -17.41
C GLU A 494 -18.97 -33.43 -17.18
N GLU A 495 -18.45 -32.22 -17.33
CA GLU A 495 -19.28 -31.02 -17.27
C GLU A 495 -20.13 -30.91 -18.53
N GLN A 496 -21.42 -30.63 -18.37
CA GLN A 496 -22.33 -30.49 -19.49
C GLN A 496 -23.18 -29.23 -19.31
N LEU A 497 -23.58 -28.63 -20.43
CA LEU A 497 -24.38 -27.41 -20.38
C LEU A 497 -25.81 -27.70 -19.92
N VAL A 498 -26.31 -26.89 -18.98
CA VAL A 498 -27.71 -26.94 -18.59
C VAL A 498 -28.25 -25.53 -18.63
N ILE A 499 -29.45 -25.38 -19.19
CA ILE A 499 -30.07 -24.08 -19.43
C ILE A 499 -31.30 -23.96 -18.53
N VAL A 500 -31.33 -22.89 -17.75
CA VAL A 500 -32.51 -22.50 -16.99
C VAL A 500 -32.95 -21.16 -17.53
N GLN A 501 -34.17 -21.11 -18.09
CA GLN A 501 -34.60 -19.96 -18.87
C GLN A 501 -36.08 -19.70 -18.62
N GLU A 502 -36.40 -18.46 -18.27
CA GLU A 502 -37.78 -18.06 -18.04
C GLU A 502 -38.54 -17.93 -19.37
N VAL A 503 -39.82 -18.29 -19.35
CA VAL A 503 -40.68 -18.06 -20.51
C VAL A 503 -41.60 -16.88 -20.22
N GLU A 504 -41.99 -16.21 -21.30
CA GLU A 504 -42.91 -15.06 -21.18
C GLU A 504 -44.29 -15.54 -20.68
N ARG A 505 -44.98 -14.70 -19.93
CA ARG A 505 -46.30 -15.05 -19.35
C ARG A 505 -47.30 -15.31 -20.50
N LYS A 506 -47.25 -14.52 -21.55
CA LYS A 506 -48.16 -14.72 -22.71
C LYS A 506 -47.85 -16.07 -23.36
N TYR A 507 -46.61 -16.57 -23.22
CA TYR A 507 -46.24 -17.86 -23.79
C TYR A 507 -46.30 -19.02 -22.80
N ALA A 508 -46.56 -18.75 -21.52
CA ALA A 508 -46.48 -19.79 -20.50
C ALA A 508 -47.63 -20.79 -20.59
N ARG A 509 -48.77 -20.41 -21.18
CA ARG A 509 -49.88 -21.35 -21.27
C ARG A 509 -49.87 -22.17 -22.56
N LYS A 510 -49.25 -21.68 -23.63
CA LYS A 510 -49.28 -22.31 -24.94
C LYS A 510 -47.91 -22.82 -25.39
N LEU A 511 -47.03 -23.13 -24.43
CA LEU A 511 -45.63 -23.34 -24.74
C LEU A 511 -45.40 -24.70 -25.41
N ASN A 512 -44.71 -24.66 -26.55
CA ASN A 512 -44.29 -25.84 -27.28
C ASN A 512 -42.84 -26.12 -26.86
N VAL A 513 -42.67 -26.96 -25.83
CA VAL A 513 -41.34 -27.17 -25.28
C VAL A 513 -40.39 -27.70 -26.35
N ALA A 514 -40.82 -28.73 -27.07
CA ALA A 514 -39.99 -29.33 -28.11
C ALA A 514 -39.50 -28.30 -29.11
N ALA A 515 -40.42 -27.49 -29.64
CA ALA A 515 -40.07 -26.51 -30.65
C ALA A 515 -39.15 -25.45 -30.08
N VAL A 516 -39.47 -24.93 -28.90
CA VAL A 516 -38.65 -23.87 -28.31
C VAL A 516 -37.28 -24.41 -27.92
N ALA A 517 -37.23 -25.62 -27.35
CA ALA A 517 -35.94 -26.20 -27.02
C ALA A 517 -35.10 -26.42 -28.28
N GLN A 518 -35.74 -26.86 -29.38
CA GLN A 518 -34.97 -27.04 -30.61
C GLN A 518 -34.38 -25.71 -31.10
N ALA A 519 -35.16 -24.63 -31.00
CA ALA A 519 -34.65 -23.30 -31.35
C ALA A 519 -33.46 -22.92 -30.49
N ILE A 520 -33.49 -23.27 -29.20
CA ILE A 520 -32.37 -22.96 -28.31
C ILE A 520 -31.16 -23.81 -28.66
N ARG A 521 -31.36 -25.10 -28.92
CA ARG A 521 -30.26 -25.99 -29.26
C ARG A 521 -29.54 -25.51 -30.52
N GLY A 522 -30.31 -25.12 -31.55
CA GLY A 522 -29.69 -24.69 -32.78
C GLY A 522 -28.88 -23.41 -32.63
N ALA A 523 -29.34 -22.50 -31.76
CA ALA A 523 -28.62 -21.25 -31.59
C ALA A 523 -27.32 -21.47 -30.82
N ILE A 524 -27.36 -22.31 -29.79
CA ILE A 524 -26.15 -22.64 -29.05
C ILE A 524 -25.20 -23.45 -29.93
N ALA A 525 -25.73 -24.42 -30.68
CA ALA A 525 -24.87 -25.20 -31.58
C ALA A 525 -24.12 -24.30 -32.54
N ALA A 526 -24.81 -23.32 -33.11
CA ALA A 526 -24.21 -22.49 -34.13
C ALA A 526 -23.23 -21.48 -33.57
N GLU A 527 -23.60 -20.81 -32.48
CA GLU A 527 -22.75 -19.74 -31.95
C GLU A 527 -21.67 -20.24 -31.01
N HIS A 528 -21.84 -21.43 -30.41
CA HIS A 528 -20.91 -21.87 -29.39
C HIS A 528 -20.41 -23.31 -29.52
N GLN A 529 -20.97 -24.12 -30.42
CA GLN A 529 -20.55 -25.52 -30.61
C GLN A 529 -20.74 -26.34 -29.34
N LEU A 530 -21.81 -26.04 -28.60
CA LEU A 530 -22.19 -26.77 -27.41
C LEU A 530 -23.53 -27.45 -27.66
N GLN A 531 -23.75 -28.56 -26.95
CA GLN A 531 -25.05 -29.20 -26.92
C GLN A 531 -25.53 -29.16 -25.48
N PRO A 532 -26.69 -28.57 -25.18
CA PRO A 532 -27.17 -28.56 -23.80
C PRO A 532 -27.59 -29.96 -23.38
N GLN A 533 -27.19 -30.33 -22.17
CA GLN A 533 -27.70 -31.57 -21.57
C GLN A 533 -29.20 -31.45 -21.31
N ALA A 534 -29.66 -30.30 -20.82
CA ALA A 534 -31.06 -30.11 -20.49
C ALA A 534 -31.39 -28.63 -20.60
N ILE A 535 -32.63 -28.36 -20.95
CA ILE A 535 -33.18 -27.01 -20.93
C ILE A 535 -34.35 -27.04 -19.97
N CYS A 536 -34.30 -26.19 -18.95
CA CYS A 536 -35.38 -26.11 -17.97
C CYS A 536 -36.11 -24.80 -18.20
N PHE A 537 -37.40 -24.89 -18.51
CA PHE A 537 -38.22 -23.70 -18.71
C PHE A 537 -38.98 -23.43 -17.42
N ILE A 538 -38.89 -22.20 -16.94
CA ILE A 538 -39.42 -21.85 -15.62
C ILE A 538 -40.33 -20.63 -15.76
N LYS A 539 -41.13 -20.44 -14.72
CA LYS A 539 -42.15 -19.41 -14.73
C LYS A 539 -41.52 -18.01 -14.74
N PRO A 540 -42.19 -17.05 -15.38
CA PRO A 540 -41.68 -15.67 -15.35
C PRO A 540 -41.69 -15.17 -13.91
N GLY A 541 -40.60 -14.52 -13.52
CA GLY A 541 -40.38 -14.07 -12.16
C GLY A 541 -39.79 -15.08 -11.19
N SER A 542 -39.53 -16.33 -11.63
CA SER A 542 -39.13 -17.38 -10.69
C SER A 542 -37.63 -17.62 -10.58
N ILE A 543 -36.83 -17.08 -11.49
CA ILE A 543 -35.40 -17.42 -11.49
C ILE A 543 -34.76 -16.84 -10.23
N PRO A 544 -33.86 -17.58 -9.57
CA PRO A 544 -33.19 -17.03 -8.39
C PRO A 544 -32.34 -15.83 -8.76
N LYS A 545 -32.57 -14.72 -8.06
CA LYS A 545 -31.92 -13.46 -8.31
C LYS A 545 -31.43 -12.88 -6.98
N THR A 546 -30.47 -11.97 -7.07
CA THR A 546 -30.15 -11.19 -5.90
C THR A 546 -31.23 -10.12 -5.71
N SER A 547 -31.18 -9.44 -4.57
CA SER A 547 -32.13 -8.36 -4.35
C SER A 547 -32.00 -7.30 -5.44
N SER A 548 -30.78 -7.08 -5.91
CA SER A 548 -30.53 -6.12 -6.98
C SER A 548 -30.95 -6.65 -8.34
N GLY A 549 -31.37 -7.90 -8.44
CA GLY A 549 -31.86 -8.44 -9.69
C GLY A 549 -30.86 -9.30 -10.44
N LYS A 550 -29.61 -9.30 -9.99
CA LYS A 550 -28.56 -10.11 -10.64
C LYS A 550 -28.94 -11.59 -10.51
N ILE A 551 -28.86 -12.33 -11.60
CA ILE A 551 -29.19 -13.77 -11.58
C ILE A 551 -28.21 -14.54 -10.68
N ARG A 552 -28.73 -15.45 -9.88
CA ARG A 552 -27.90 -16.32 -9.03
C ARG A 552 -27.67 -17.63 -9.79
N ARG A 553 -26.69 -17.65 -10.69
CA ARG A 553 -26.44 -18.84 -11.56
C ARG A 553 -26.19 -20.12 -10.76
N HIS A 554 -25.45 -20.03 -9.67
CA HIS A 554 -25.17 -21.22 -8.81
C HIS A 554 -26.50 -21.74 -8.27
N ALA A 555 -27.43 -20.84 -7.97
CA ALA A 555 -28.73 -21.24 -7.40
C ALA A 555 -29.61 -21.85 -8.49
N CYS A 556 -29.54 -21.36 -9.73
CA CYS A 556 -30.30 -22.01 -10.81
C CYS A 556 -29.83 -23.46 -10.96
N LYS A 557 -28.52 -23.68 -10.91
CA LYS A 557 -27.95 -25.04 -10.98
C LYS A 557 -28.40 -25.87 -9.78
N ALA A 558 -28.38 -25.25 -8.60
CA ALA A 558 -28.82 -25.95 -7.37
C ALA A 558 -30.30 -26.29 -7.49
N GLY A 559 -31.12 -25.34 -7.94
CA GLY A 559 -32.54 -25.62 -8.07
C GLY A 559 -32.85 -26.63 -9.16
N PHE A 560 -32.05 -26.65 -10.23
CA PHE A 560 -32.22 -27.67 -11.27
C PHE A 560 -31.87 -29.05 -10.73
N LEU A 561 -30.85 -29.13 -9.89
CA LEU A 561 -30.41 -30.41 -9.37
C LEU A 561 -31.28 -30.92 -8.23
N ASP A 562 -32.05 -30.06 -7.56
CA ASP A 562 -32.90 -30.50 -6.46
C ASP A 562 -34.38 -30.44 -6.80
N GLY A 563 -34.75 -30.03 -8.00
CA GLY A 563 -36.15 -30.04 -8.39
C GLY A 563 -36.98 -28.94 -7.76
N SER A 564 -36.38 -27.83 -7.33
CA SER A 564 -37.13 -26.79 -6.64
C SER A 564 -37.42 -25.57 -7.51
N LEU A 565 -37.07 -25.61 -8.79
CA LEU A 565 -37.42 -24.54 -9.71
C LEU A 565 -38.93 -24.55 -10.00
N ALA A 566 -39.45 -23.40 -10.44
CA ALA A 566 -40.86 -23.28 -10.80
C ALA A 566 -41.03 -23.68 -12.27
N VAL A 567 -40.92 -24.99 -12.51
CA VAL A 567 -40.80 -25.53 -13.86
C VAL A 567 -42.12 -25.46 -14.60
N VAL A 568 -42.03 -25.11 -15.90
CA VAL A 568 -43.18 -25.17 -16.80
C VAL A 568 -42.98 -26.14 -17.96
N GLY A 569 -41.72 -26.48 -18.20
CA GLY A 569 -41.37 -27.42 -19.27
C GLY A 569 -39.91 -27.80 -19.14
N GLU A 570 -39.55 -28.98 -19.64
CA GLU A 570 -38.14 -29.41 -19.62
C GLU A 570 -37.81 -30.30 -20.82
N TRP A 571 -36.65 -30.11 -21.41
CA TRP A 571 -36.19 -31.02 -22.48
C TRP A 571 -34.89 -31.66 -22.00
N GLN A 572 -34.69 -32.95 -22.26
CA GLN A 572 -33.46 -33.66 -21.87
C GLN A 572 -33.30 -34.92 -22.74
N VAL B 4 13.95 -13.17 -13.72
CA VAL B 4 14.86 -12.45 -12.77
C VAL B 4 14.04 -11.52 -11.88
N GLY B 5 13.09 -10.76 -12.43
CA GLY B 5 12.31 -9.80 -11.63
C GLY B 5 11.05 -10.41 -11.08
N GLN B 6 10.81 -11.68 -11.36
CA GLN B 6 9.59 -12.36 -10.90
C GLN B 6 9.92 -13.19 -9.66
N PHE B 7 11.10 -12.99 -9.07
CA PHE B 7 11.44 -13.69 -7.81
C PHE B 7 10.72 -13.04 -6.62
N ALA B 8 10.02 -13.85 -5.83
CA ALA B 8 9.24 -13.35 -4.71
C ALA B 8 10.06 -13.22 -3.43
N ASN B 9 11.26 -13.79 -3.39
CA ASN B 9 12.07 -13.77 -2.18
C ASN B 9 13.49 -14.17 -2.53
N PHE B 10 14.41 -13.89 -1.61
CA PHE B 10 15.81 -14.10 -1.89
C PHE B 10 16.19 -15.58 -1.90
N VAL B 11 15.44 -16.46 -1.23
CA VAL B 11 15.76 -17.88 -1.32
C VAL B 11 15.61 -18.34 -2.76
N ASP B 12 14.44 -18.08 -3.37
CA ASP B 12 14.25 -18.45 -4.77
C ASP B 12 15.31 -17.81 -5.66
N LEU B 13 15.64 -16.53 -5.44
CA LEU B 13 16.56 -15.85 -6.34
C LEU B 13 17.99 -16.41 -6.22
N LEU B 14 18.46 -16.74 -5.01
CA LEU B 14 19.84 -17.29 -4.87
C LEU B 14 19.86 -18.67 -5.51
N GLN B 15 18.80 -19.43 -5.33
CA GLN B 15 18.72 -20.79 -5.90
C GLN B 15 18.81 -20.69 -7.43
N TYR B 16 18.13 -19.72 -8.04
CA TYR B 16 18.19 -19.54 -9.51
C TYR B 16 19.61 -19.15 -9.92
N ARG B 17 20.22 -18.20 -9.22
CA ARG B 17 21.58 -17.81 -9.56
C ARG B 17 22.57 -18.93 -9.29
N ALA B 18 22.32 -19.76 -8.27
CA ALA B 18 23.18 -20.89 -8.03
C ALA B 18 23.18 -21.87 -9.20
N LYS B 19 22.13 -21.88 -10.02
CA LYS B 19 22.12 -22.72 -11.20
C LYS B 19 22.66 -22.01 -12.43
N LEU B 20 22.29 -20.73 -12.63
CA LEU B 20 22.67 -20.03 -13.86
C LEU B 20 24.11 -19.53 -13.82
N GLN B 21 24.64 -19.15 -12.65
CA GLN B 21 25.99 -18.64 -12.50
C GLN B 21 26.75 -19.43 -11.44
N ALA B 22 26.57 -20.75 -11.44
CA ALA B 22 27.12 -21.63 -10.40
C ALA B 22 28.58 -21.34 -10.10
N ARG B 23 29.41 -21.16 -11.11
CA ARG B 23 30.85 -21.09 -10.87
C ARG B 23 31.39 -19.66 -10.78
N LYS B 24 30.52 -18.65 -10.95
CA LYS B 24 30.97 -17.28 -10.81
C LYS B 24 31.16 -16.97 -9.34
N THR B 25 32.30 -16.35 -9.02
CA THR B 25 32.53 -15.86 -7.67
C THR B 25 31.46 -14.83 -7.35
N VAL B 26 30.80 -14.96 -6.20
CA VAL B 26 29.89 -13.93 -5.73
C VAL B 26 30.53 -13.03 -4.68
N PHE B 27 31.25 -13.61 -3.72
CA PHE B 27 31.94 -12.80 -2.72
C PHE B 27 33.39 -13.22 -2.63
N SER B 28 34.28 -12.25 -2.49
CA SER B 28 35.69 -12.48 -2.19
C SER B 28 36.05 -11.62 -0.99
N PHE B 29 36.59 -12.23 0.05
CA PHE B 29 36.84 -11.53 1.30
C PHE B 29 38.33 -11.24 1.37
N LEU B 30 38.70 -10.00 1.67
CA LEU B 30 40.10 -9.66 1.95
C LEU B 30 40.18 -9.39 3.45
N ALA B 31 40.54 -10.41 4.22
CA ALA B 31 40.51 -10.31 5.67
C ALA B 31 41.40 -9.20 6.20
N ASP B 32 42.50 -8.90 5.50
CA ASP B 32 43.41 -7.84 5.90
C ASP B 32 43.16 -6.54 5.16
N GLY B 33 42.24 -6.54 4.20
CA GLY B 33 42.03 -5.43 3.29
C GLY B 33 42.95 -5.38 2.09
N GLU B 34 43.94 -6.29 2.00
CA GLU B 34 44.86 -6.31 0.87
C GLU B 34 44.83 -7.66 0.15
N ALA B 35 45.13 -8.73 0.88
CA ALA B 35 45.18 -10.07 0.27
C ALA B 35 43.84 -10.78 0.39
N GLU B 36 43.40 -11.45 -0.68
CA GLU B 36 42.16 -12.27 -0.62
C GLU B 36 42.38 -13.42 0.35
N SER B 37 41.41 -13.69 1.21
CA SER B 37 41.57 -14.75 2.23
C SER B 37 40.57 -15.88 1.98
N ALA B 38 39.45 -15.57 1.34
CA ALA B 38 38.37 -16.58 1.15
C ALA B 38 37.39 -16.13 0.07
N ALA B 39 36.69 -17.08 -0.53
CA ALA B 39 35.72 -16.74 -1.59
C ALA B 39 34.59 -17.74 -1.69
N LEU B 40 33.48 -17.34 -2.28
CA LEU B 40 32.33 -18.22 -2.48
C LEU B 40 31.81 -17.98 -3.89
N THR B 41 31.58 -19.05 -4.62
CA THR B 41 30.80 -18.91 -5.82
C THR B 41 29.31 -18.93 -5.47
N TYR B 42 28.50 -18.55 -6.46
CA TYR B 42 27.05 -18.69 -6.29
C TYR B 42 26.69 -20.12 -5.99
N GLY B 43 27.36 -21.07 -6.64
CA GLY B 43 27.11 -22.47 -6.34
C GLY B 43 27.40 -22.80 -4.89
N GLU B 44 28.56 -22.39 -4.39
CA GLU B 44 28.91 -22.73 -3.02
C GLU B 44 28.04 -21.98 -2.02
N LEU B 45 27.72 -20.71 -2.30
CA LEU B 45 26.91 -19.93 -1.38
C LEU B 45 25.57 -20.61 -1.13
N ASP B 46 24.94 -21.12 -2.17
CA ASP B 46 23.64 -21.85 -2.03
C ASP B 46 23.81 -23.16 -1.23
N GLN B 47 24.85 -23.94 -1.51
CA GLN B 47 25.10 -25.19 -0.76
C GLN B 47 25.33 -24.87 0.73
N LYS B 48 26.09 -23.82 1.00
CA LYS B 48 26.36 -23.38 2.40
C LYS B 48 25.03 -23.00 3.04
N ALA B 49 24.18 -22.27 2.34
CA ALA B 49 22.88 -21.82 2.88
C ALA B 49 21.99 -23.02 3.23
N GLN B 50 21.87 -23.98 2.33
CA GLN B 50 21.00 -25.17 2.55
C GLN B 50 21.52 -25.97 3.74
N ALA B 51 22.84 -26.12 3.83
CA ALA B 51 23.46 -26.89 4.93
C ALA B 51 23.20 -26.20 6.26
N ILE B 52 23.49 -24.90 6.33
CA ILE B 52 23.23 -24.18 7.57
C ILE B 52 21.75 -24.19 7.88
N ALA B 53 20.91 -23.98 6.85
CA ALA B 53 19.46 -24.05 7.03
C ALA B 53 19.04 -25.39 7.62
N ALA B 54 19.54 -26.49 7.06
CA ALA B 54 19.15 -27.80 7.58
C ALA B 54 19.65 -28.00 9.00
N PHE B 55 20.84 -27.51 9.30
CA PHE B 55 21.31 -27.47 10.68
C PHE B 55 20.37 -26.66 11.57
N LEU B 56 19.98 -25.47 11.12
CA LEU B 56 19.07 -24.63 11.91
C LEU B 56 17.72 -25.30 12.12
N GLN B 57 17.17 -25.92 11.08
CA GLN B 57 15.88 -26.57 11.22
C GLN B 57 15.94 -27.75 12.18
N ALA B 58 16.98 -28.59 12.09
CA ALA B 58 17.08 -29.71 13.01
C ALA B 58 17.24 -29.24 14.45
N ASN B 59 17.84 -28.06 14.65
CA ASN B 59 18.02 -27.54 16.00
C ASN B 59 16.82 -26.75 16.49
N GLN B 60 15.68 -26.84 15.78
CA GLN B 60 14.42 -26.27 16.22
C GLN B 60 14.40 -24.75 16.14
N ALA B 61 15.13 -24.17 15.18
CA ALA B 61 15.20 -22.71 15.09
C ALA B 61 14.14 -22.10 14.18
N GLN B 62 13.40 -22.90 13.42
CA GLN B 62 12.43 -22.35 12.49
C GLN B 62 11.37 -21.56 13.24
N GLY B 63 11.05 -20.38 12.73
CA GLY B 63 10.08 -19.51 13.35
C GLY B 63 10.58 -18.78 14.58
N GLN B 64 11.81 -19.05 15.00
CA GLN B 64 12.43 -18.40 16.15
C GLN B 64 13.35 -17.30 15.68
N ARG B 65 13.68 -16.40 16.62
CA ARG B 65 14.68 -15.37 16.39
C ARG B 65 16.09 -15.88 16.73
N ALA B 66 17.07 -15.54 15.87
CA ALA B 66 18.46 -15.97 16.10
C ALA B 66 19.44 -14.82 15.95
N LEU B 67 20.23 -14.58 16.98
CA LEU B 67 21.29 -13.56 16.87
C LEU B 67 22.40 -14.06 15.96
N LEU B 68 22.92 -13.21 15.10
CA LEU B 68 24.10 -13.61 14.31
C LEU B 68 25.29 -12.88 14.93
N LEU B 69 26.29 -13.62 15.39
CA LEU B 69 27.47 -13.03 16.08
C LEU B 69 28.72 -13.53 15.35
N TYR B 70 29.13 -12.79 14.32
CA TYR B 70 30.26 -13.17 13.49
C TYR B 70 31.17 -11.98 13.25
N PRO B 71 32.46 -12.21 13.10
CA PRO B 71 33.32 -11.19 12.54
C PRO B 71 32.93 -10.98 11.09
N PRO B 72 33.33 -9.87 10.47
CA PRO B 72 33.10 -9.74 9.01
C PRO B 72 33.72 -10.92 8.27
N GLY B 73 32.99 -11.45 7.31
CA GLY B 73 33.48 -12.59 6.55
C GLY B 73 32.36 -13.36 5.92
N LEU B 74 32.75 -14.49 5.29
CA LEU B 74 31.79 -15.32 4.58
C LEU B 74 30.99 -16.21 5.52
N GLU B 75 31.48 -16.41 6.76
CA GLU B 75 30.68 -17.15 7.73
C GLU B 75 29.41 -16.38 8.08
N PHE B 76 29.51 -15.06 8.24
CA PHE B 76 28.32 -14.25 8.51
C PHE B 76 27.31 -14.38 7.37
N ILE B 77 27.79 -14.25 6.13
CA ILE B 77 26.92 -14.26 4.96
C ILE B 77 26.22 -15.61 4.84
N GLY B 78 26.98 -16.69 4.97
CA GLY B 78 26.37 -18.00 5.00
C GLY B 78 25.29 -18.11 6.06
N ALA B 79 25.60 -17.67 7.28
CA ALA B 79 24.62 -17.79 8.36
C ALA B 79 23.36 -16.99 8.08
N PHE B 80 23.50 -15.80 7.51
CA PHE B 80 22.34 -14.95 7.29
C PHE B 80 21.41 -15.55 6.24
N LEU B 81 21.98 -15.97 5.10
CA LEU B 81 21.18 -16.63 4.08
C LEU B 81 20.65 -17.97 4.58
N GLY B 82 21.46 -18.70 5.35
CA GLY B 82 20.95 -19.89 6.00
C GLY B 82 19.68 -19.63 6.80
N CYS B 83 19.62 -18.51 7.49
CA CYS B 83 18.42 -18.16 8.26
C CYS B 83 17.24 -17.93 7.33
N LEU B 84 17.45 -17.17 6.25
CA LEU B 84 16.42 -16.98 5.24
C LEU B 84 15.98 -18.32 4.64
N TYR B 85 16.94 -19.15 4.25
CA TYR B 85 16.60 -20.46 3.69
C TYR B 85 15.80 -21.29 4.69
N ALA B 86 16.13 -21.19 5.97
CA ALA B 86 15.53 -22.00 7.01
C ALA B 86 14.23 -21.42 7.55
N GLY B 87 13.86 -20.18 7.25
CA GLY B 87 12.71 -19.65 7.96
C GLY B 87 13.01 -19.34 9.40
N VAL B 88 14.24 -18.98 9.69
CA VAL B 88 14.68 -18.53 11.00
C VAL B 88 14.76 -17.00 10.92
N VAL B 89 14.17 -16.32 11.89
CA VAL B 89 14.20 -14.85 11.88
C VAL B 89 15.58 -14.40 12.36
N ALA B 90 16.44 -14.05 11.41
CA ALA B 90 17.81 -13.64 11.72
C ALA B 90 17.83 -12.29 12.42
N VAL B 91 18.73 -12.16 13.40
CA VAL B 91 18.93 -10.90 14.11
C VAL B 91 20.39 -10.52 14.04
N PRO B 92 20.86 -9.91 12.94
CA PRO B 92 22.28 -9.55 12.85
C PRO B 92 22.67 -8.55 13.93
N ALA B 93 23.85 -8.76 14.51
CA ALA B 93 24.35 -7.86 15.54
C ALA B 93 25.87 -7.86 15.50
N TYR B 94 26.44 -6.76 15.98
CA TYR B 94 27.87 -6.69 16.19
C TYR B 94 28.29 -7.76 17.20
N PRO B 95 29.29 -8.57 16.90
CA PRO B 95 29.72 -9.63 17.83
C PRO B 95 30.30 -9.03 19.10
N PRO B 96 30.34 -9.78 20.19
CA PRO B 96 30.90 -9.24 21.41
C PRO B 96 32.39 -9.03 21.26
N ARG B 97 32.87 -7.93 21.80
CA ARG B 97 34.30 -7.65 21.71
C ARG B 97 34.98 -8.21 22.94
N PRO B 98 36.29 -8.48 22.87
CA PRO B 98 36.97 -8.95 24.07
C PRO B 98 37.06 -7.85 25.11
N ASN B 99 36.91 -8.25 26.38
CA ASN B 99 37.02 -7.39 27.56
C ASN B 99 35.91 -6.35 27.68
N LYS B 100 34.88 -6.45 26.83
CA LYS B 100 33.79 -5.45 26.85
C LYS B 100 32.52 -6.08 27.42
N SER B 101 31.54 -5.25 27.80
CA SER B 101 30.27 -5.77 28.36
C SER B 101 29.43 -6.49 27.29
N PHE B 102 28.56 -7.39 27.72
CA PHE B 102 27.63 -8.08 26.78
C PHE B 102 26.26 -7.39 26.91
N ASP B 103 26.25 -6.17 27.46
CA ASP B 103 24.95 -5.48 27.74
C ASP B 103 24.13 -5.23 26.47
N ARG B 104 24.77 -4.73 25.41
CA ARG B 104 24.05 -4.41 24.16
C ARG B 104 23.46 -5.73 23.63
N LEU B 105 24.30 -6.76 23.64
CA LEU B 105 23.82 -8.04 23.11
C LEU B 105 22.65 -8.57 23.93
N HIS B 106 22.81 -8.60 25.25
CA HIS B 106 21.75 -9.11 26.11
C HIS B 106 20.44 -8.36 25.91
N SER B 107 20.52 -7.04 25.70
CA SER B 107 19.32 -6.25 25.51
C SER B 107 18.67 -6.52 24.15
N ILE B 108 19.47 -6.78 23.11
CA ILE B 108 18.89 -7.23 21.84
C ILE B 108 18.26 -8.61 22.00
N ILE B 109 18.94 -9.51 22.71
CA ILE B 109 18.38 -10.84 22.95
C ILE B 109 17.07 -10.74 23.71
N GLN B 110 17.04 -9.91 24.75
CA GLN B 110 15.80 -9.73 25.49
C GLN B 110 14.69 -9.15 24.61
N ASP B 111 15.01 -8.12 23.82
CA ASP B 111 14.00 -7.46 23.00
C ASP B 111 13.52 -8.39 21.88
N ALA B 112 14.47 -9.02 21.18
CA ALA B 112 14.11 -10.02 20.16
C ALA B 112 13.44 -11.25 20.74
N GLN B 113 13.61 -11.52 22.04
CA GLN B 113 13.20 -12.79 22.63
C GLN B 113 13.77 -13.96 21.81
N ALA B 114 15.04 -13.84 21.46
CA ALA B 114 15.72 -14.86 20.68
C ALA B 114 16.04 -16.05 21.57
N LYS B 115 15.91 -17.25 21.01
CA LYS B 115 16.34 -18.44 21.70
C LYS B 115 17.72 -18.90 21.25
N PHE B 116 18.26 -18.29 20.19
CA PHE B 116 19.46 -18.79 19.56
C PHE B 116 20.44 -17.66 19.30
N ALA B 117 21.73 -18.00 19.38
CA ALA B 117 22.80 -17.15 18.90
C ALA B 117 23.61 -18.01 17.94
N LEU B 118 23.79 -17.52 16.72
CA LEU B 118 24.57 -18.22 15.71
C LEU B 118 25.93 -17.56 15.59
N THR B 119 26.99 -18.34 15.66
CA THR B 119 28.32 -17.76 15.77
C THR B 119 29.35 -18.74 15.24
N THR B 120 30.63 -18.37 15.37
CA THR B 120 31.69 -19.25 14.91
C THR B 120 32.09 -20.18 16.05
N THR B 121 32.83 -21.23 15.70
CA THR B 121 33.32 -22.15 16.71
C THR B 121 34.25 -21.45 17.69
N GLU B 122 35.15 -20.62 17.18
CA GLU B 122 36.06 -19.89 18.06
C GLU B 122 35.29 -18.97 19.01
N LEU B 123 34.23 -18.34 18.53
CA LEU B 123 33.46 -17.45 19.40
C LEU B 123 32.62 -18.23 20.40
N LYS B 124 31.99 -19.33 19.98
CA LYS B 124 31.12 -20.07 20.89
C LYS B 124 31.87 -20.55 22.12
N ASP B 125 33.09 -21.04 21.95
CA ASP B 125 33.82 -21.48 23.14
C ASP B 125 34.18 -20.32 24.05
N LYS B 126 34.29 -19.11 23.51
CA LYS B 126 34.61 -17.96 24.35
C LYS B 126 33.38 -17.36 25.04
N ILE B 127 32.20 -17.46 24.43
CA ILE B 127 31.01 -16.76 24.94
C ILE B 127 29.89 -17.70 25.40
N ALA B 128 29.97 -18.99 25.12
CA ALA B 128 28.85 -19.88 25.43
C ALA B 128 28.44 -19.82 26.91
N ASP B 129 29.42 -19.87 27.82
CA ASP B 129 29.08 -19.95 29.24
C ASP B 129 28.61 -18.62 29.81
N ARG B 130 29.06 -17.50 29.23
CA ARG B 130 28.62 -16.18 29.66
C ARG B 130 27.21 -15.89 29.18
N LEU B 131 26.90 -16.24 27.92
CA LEU B 131 25.54 -16.16 27.45
C LEU B 131 24.64 -17.06 28.27
N GLU B 132 25.17 -18.20 28.69
CA GLU B 132 24.44 -19.08 29.60
C GLU B 132 24.13 -18.36 30.91
N ALA B 133 25.10 -17.62 31.43
CA ALA B 133 24.86 -16.89 32.68
C ALA B 133 23.75 -15.85 32.49
N LEU B 134 23.80 -15.07 31.42
CA LEU B 134 22.85 -13.99 31.21
C LEU B 134 21.49 -14.49 30.70
N GLU B 135 21.45 -15.59 29.97
CA GLU B 135 20.21 -15.98 29.30
C GLU B 135 19.60 -17.29 29.79
N GLY B 136 20.33 -18.10 30.56
CA GLY B 136 19.79 -19.35 31.03
C GLY B 136 20.09 -20.52 30.10
N THR B 137 19.70 -21.72 30.59
CA THR B 137 19.91 -22.97 29.89
C THR B 137 19.14 -23.08 28.58
N ASP B 138 17.99 -22.41 28.45
CA ASP B 138 17.20 -22.54 27.25
C ASP B 138 17.65 -21.64 26.11
N PHE B 139 18.81 -21.01 26.21
CA PHE B 139 19.36 -20.24 25.11
C PHE B 139 20.46 -21.05 24.44
N HIS B 140 20.28 -21.28 23.15
CA HIS B 140 21.20 -22.18 22.41
C HIS B 140 22.19 -21.42 21.54
N CYS B 141 23.45 -21.42 21.97
CA CYS B 141 24.51 -20.82 21.14
C CYS B 141 24.97 -21.88 20.15
N LEU B 142 24.79 -21.63 18.86
CA LEU B 142 25.13 -22.63 17.82
C LEU B 142 26.24 -22.13 16.91
N ALA B 143 27.22 -22.97 16.65
CA ALA B 143 28.27 -22.68 15.67
C ALA B 143 27.86 -23.24 14.32
N THR B 144 28.07 -22.44 13.27
CA THR B 144 27.63 -22.80 11.93
C THR B 144 28.79 -23.00 10.97
N ASP B 145 30.01 -22.80 11.42
CA ASP B 145 31.18 -22.86 10.50
C ASP B 145 31.64 -24.30 10.24
N GLN B 146 31.18 -25.26 11.04
CA GLN B 146 31.67 -26.65 10.90
C GLN B 146 30.57 -27.58 10.37
N VAL B 147 29.46 -27.02 9.91
CA VAL B 147 28.33 -27.81 9.36
C VAL B 147 28.75 -28.49 8.06
N GLU B 148 28.68 -29.82 8.01
CA GLU B 148 28.99 -30.56 6.79
C GLU B 148 28.04 -30.15 5.67
N LEU B 149 28.59 -30.01 4.45
CA LEU B 149 27.76 -29.54 3.34
C LEU B 149 26.71 -30.56 2.96
N ILE B 150 26.97 -31.85 3.20
CA ILE B 150 26.02 -32.89 2.90
C ILE B 150 24.76 -32.72 3.73
N SER B 151 24.84 -31.97 4.84
CA SER B 151 23.65 -31.74 5.66
C SER B 151 22.58 -31.02 4.87
N GLY B 152 22.96 -30.27 3.83
CA GLY B 152 22.00 -29.55 3.01
C GLY B 152 20.96 -30.44 2.35
N LYS B 153 21.29 -31.73 2.13
CA LYS B 153 20.34 -32.69 1.60
C LYS B 153 19.10 -32.85 2.48
N ASN B 154 19.21 -32.47 3.76
CA ASN B 154 18.11 -32.57 4.71
C ASN B 154 17.30 -31.29 4.81
N TRP B 155 17.66 -30.25 4.05
CA TRP B 155 16.95 -28.99 4.11
C TRP B 155 15.50 -29.16 3.68
N GLN B 156 14.58 -28.60 4.45
CA GLN B 156 13.17 -28.54 4.08
C GLN B 156 12.87 -27.13 3.61
N LYS B 157 12.67 -26.98 2.30
CA LYS B 157 12.35 -25.66 1.77
C LYS B 157 11.05 -25.15 2.39
N PRO B 158 11.04 -24.02 3.09
CA PRO B 158 9.78 -23.50 3.62
C PRO B 158 8.94 -22.95 2.49
N ASN B 159 7.64 -22.81 2.75
CA ASN B 159 6.72 -22.16 1.83
C ASN B 159 6.77 -20.67 2.14
N ILE B 160 7.71 -19.97 1.51
CA ILE B 160 7.95 -18.57 1.80
C ILE B 160 7.06 -17.71 0.90
N SER B 161 6.36 -16.76 1.52
CA SER B 161 5.65 -15.71 0.80
C SER B 161 6.26 -14.35 1.17
N GLY B 162 6.01 -13.36 0.31
CA GLY B 162 6.63 -12.07 0.49
C GLY B 162 6.31 -11.41 1.81
N THR B 163 5.10 -11.63 2.34
CA THR B 163 4.72 -11.03 3.61
C THR B 163 5.27 -11.78 4.82
N ASP B 164 5.99 -12.88 4.62
CA ASP B 164 6.60 -13.56 5.76
C ASP B 164 7.81 -12.79 6.28
N LEU B 165 7.93 -12.72 7.60
CA LEU B 165 9.00 -11.95 8.19
C LEU B 165 10.33 -12.63 7.88
N ALA B 166 11.32 -11.83 7.50
CA ALA B 166 12.60 -12.39 7.11
C ALA B 166 13.66 -12.24 8.18
N PHE B 167 13.84 -11.03 8.73
CA PHE B 167 14.82 -10.83 9.79
C PHE B 167 14.49 -9.54 10.52
N LEU B 168 15.07 -9.41 11.71
CA LEU B 168 14.91 -8.17 12.50
C LEU B 168 16.14 -7.31 12.26
N GLN B 169 15.94 -6.12 11.70
CA GLN B 169 17.05 -5.19 11.53
C GLN B 169 16.95 -4.19 12.69
N TYR B 170 17.88 -4.30 13.63
CA TYR B 170 17.86 -3.40 14.80
C TYR B 170 18.52 -2.07 14.45
N THR B 171 17.93 -0.98 14.92
CA THR B 171 18.46 0.33 14.65
C THR B 171 19.73 0.57 15.48
N SER B 172 20.50 1.57 15.05
CA SER B 172 21.84 1.77 15.62
C SER B 172 21.79 2.08 17.10
N GLY B 173 20.75 2.80 17.53
CA GLY B 173 20.70 3.34 18.87
C GLY B 173 21.10 4.79 19.00
N SER B 174 21.10 5.56 17.91
CA SER B 174 21.50 6.97 17.98
C SER B 174 20.61 7.76 18.94
N THR B 175 19.29 7.63 18.80
CA THR B 175 18.31 8.44 19.52
C THR B 175 17.71 7.74 20.74
N GLY B 176 17.87 6.43 20.82
CA GLY B 176 17.28 5.65 21.92
C GLY B 176 17.75 4.21 21.91
N ASP B 177 17.00 3.34 22.58
CA ASP B 177 17.36 1.91 22.59
C ASP B 177 17.12 1.37 21.19
N PRO B 178 18.04 0.54 20.65
CA PRO B 178 17.79 -0.08 19.37
C PRO B 178 16.41 -0.75 19.28
N LYS B 179 15.60 -0.40 18.29
CA LYS B 179 14.31 -1.04 18.04
C LYS B 179 14.44 -2.05 16.91
N GLY B 180 13.74 -3.16 17.03
CA GLY B 180 13.84 -4.22 16.04
C GLY B 180 12.92 -4.03 14.86
N VAL B 181 13.46 -3.64 13.71
CA VAL B 181 12.65 -3.38 12.53
C VAL B 181 12.33 -4.71 11.86
N MET B 182 11.03 -4.98 11.69
CA MET B 182 10.54 -6.22 11.08
C MET B 182 10.56 -6.10 9.58
N VAL B 183 11.59 -6.67 8.97
CA VAL B 183 11.83 -6.64 7.53
C VAL B 183 11.26 -7.90 6.92
N SER B 184 10.30 -7.75 6.03
CA SER B 184 9.70 -8.91 5.39
C SER B 184 10.53 -9.35 4.18
N HIS B 185 10.21 -10.54 3.69
CA HIS B 185 10.84 -11.04 2.47
C HIS B 185 10.54 -10.15 1.29
N HIS B 186 9.35 -9.55 1.29
CA HIS B 186 8.96 -8.65 0.20
C HIS B 186 9.69 -7.32 0.31
N ASN B 187 9.79 -6.78 1.52
CA ASN B 187 10.61 -5.60 1.75
C ASN B 187 11.97 -5.76 1.09
N LEU B 188 12.62 -6.90 1.34
CA LEU B 188 13.93 -7.15 0.77
C LEU B 188 13.90 -7.11 -0.75
N ILE B 189 12.97 -7.85 -1.36
CA ILE B 189 12.92 -7.88 -2.81
C ILE B 189 12.61 -6.50 -3.36
N HIS B 190 11.60 -5.85 -2.79
CA HIS B 190 11.17 -4.55 -3.30
C HIS B 190 12.29 -3.53 -3.22
N ASN B 191 12.96 -3.47 -2.07
CA ASN B 191 14.02 -2.49 -1.94
C ASN B 191 15.20 -2.81 -2.83
N SER B 192 15.57 -4.10 -2.94
CA SER B 192 16.65 -4.48 -3.83
C SER B 192 16.40 -3.97 -5.25
N GLY B 193 15.15 -4.06 -5.71
CA GLY B 193 14.82 -3.49 -7.00
C GLY B 193 14.95 -1.98 -7.00
N LEU B 194 14.59 -1.33 -5.89
CA LEU B 194 14.76 0.12 -5.79
C LEU B 194 16.22 0.49 -5.99
N ILE B 195 17.12 -0.19 -5.26
CA ILE B 195 18.55 0.07 -5.37
C ILE B 195 19.02 -0.14 -6.80
N ASN B 196 18.57 -1.22 -7.45
CA ASN B 196 19.04 -1.47 -8.80
C ASN B 196 18.43 -0.47 -9.79
N GLN B 197 17.19 -0.03 -9.55
CA GLN B 197 16.64 1.03 -10.37
C GLN B 197 17.51 2.28 -10.31
N GLY B 198 18.07 2.57 -9.14
CA GLY B 198 18.84 3.79 -9.02
C GLY B 198 20.30 3.59 -9.34
N PHE B 199 20.84 2.46 -8.92
CA PHE B 199 22.25 2.16 -9.13
C PHE B 199 22.54 1.68 -10.54
N GLN B 200 21.61 0.92 -11.14
CA GLN B 200 21.72 0.41 -12.51
C GLN B 200 22.92 -0.51 -12.70
N ASP B 201 23.19 -1.36 -11.71
CA ASP B 201 24.23 -2.37 -11.86
C ASP B 201 23.68 -3.56 -12.65
N THR B 202 24.60 -4.33 -13.24
CA THR B 202 24.26 -5.51 -14.04
C THR B 202 25.10 -6.71 -13.59
N GLU B 203 24.88 -7.85 -14.25
CA GLU B 203 25.67 -9.04 -13.95
C GLU B 203 27.17 -8.78 -14.07
N ALA B 204 27.57 -7.82 -14.91
CA ALA B 204 28.97 -7.46 -15.11
C ALA B 204 29.49 -6.46 -14.09
N SER B 205 28.69 -6.04 -13.11
CA SER B 205 29.20 -5.05 -12.18
C SER B 205 30.19 -5.70 -11.22
N MET B 206 31.07 -4.84 -10.67
CA MET B 206 32.06 -5.24 -9.68
C MET B 206 32.04 -4.24 -8.54
N GLY B 207 31.88 -4.76 -7.32
CA GLY B 207 31.81 -3.90 -6.16
C GLY B 207 32.85 -4.24 -5.11
N VAL B 208 33.17 -3.28 -4.25
CA VAL B 208 33.94 -3.54 -3.06
C VAL B 208 33.22 -2.86 -1.91
N SER B 209 33.19 -3.52 -0.75
CA SER B 209 32.57 -2.93 0.42
C SER B 209 33.45 -3.24 1.63
N TRP B 210 33.70 -2.21 2.44
CA TRP B 210 34.32 -2.39 3.74
C TRP B 210 33.31 -2.19 4.85
N LEU B 211 32.06 -1.86 4.50
CA LEU B 211 31.07 -1.50 5.50
C LEU B 211 30.74 -2.71 6.35
N PRO B 212 30.41 -2.51 7.64
CA PRO B 212 30.05 -3.63 8.50
C PRO B 212 28.83 -4.34 7.94
N PRO B 213 28.86 -5.68 7.88
CA PRO B 213 27.77 -6.40 7.21
C PRO B 213 26.54 -6.52 8.05
N TYR B 214 26.61 -6.12 9.31
CA TYR B 214 25.51 -6.40 10.26
C TYR B 214 24.25 -5.56 10.02
N HIS B 215 24.40 -4.37 9.46
CA HIS B 215 23.22 -3.48 9.38
C HIS B 215 23.11 -2.70 8.08
N ASP B 216 21.88 -2.31 7.71
CA ASP B 216 21.60 -1.42 6.55
C ASP B 216 22.54 -1.52 5.35
N MET B 217 23.21 -0.41 5.04
CA MET B 217 24.08 -0.33 3.85
C MET B 217 24.98 -1.57 3.68
N GLY B 218 25.61 -2.05 4.74
CA GLY B 218 26.53 -3.15 4.55
C GLY B 218 25.85 -4.48 4.30
N LEU B 219 24.60 -4.62 4.72
CA LEU B 219 23.86 -5.87 4.64
C LEU B 219 22.99 -5.88 3.40
N ILE B 220 21.96 -5.05 3.37
CA ILE B 220 21.06 -5.05 2.23
C ILE B 220 21.80 -4.57 1.00
N GLY B 221 22.67 -3.58 1.19
CA GLY B 221 23.45 -3.12 0.07
C GLY B 221 24.70 -3.94 -0.23
N GLY B 222 25.48 -4.25 0.81
CA GLY B 222 26.76 -4.87 0.57
C GLY B 222 26.66 -6.35 0.28
N ILE B 223 25.65 -7.02 0.83
CA ILE B 223 25.49 -8.46 0.70
C ILE B 223 24.35 -8.83 -0.26
N LEU B 224 23.14 -8.29 -0.04
CA LEU B 224 22.00 -8.75 -0.83
C LEU B 224 22.04 -8.19 -2.25
N GLN B 225 22.43 -6.93 -2.44
CA GLN B 225 22.39 -6.33 -3.78
C GLN B 225 23.29 -7.03 -4.79
N PRO B 226 24.56 -7.34 -4.50
CA PRO B 226 25.34 -8.11 -5.50
C PRO B 226 24.64 -9.39 -5.92
N ILE B 227 24.03 -10.09 -4.96
CA ILE B 227 23.27 -11.31 -5.23
C ILE B 227 22.08 -11.01 -6.12
N TYR B 228 21.36 -9.92 -5.80
CA TYR B 228 20.18 -9.54 -6.56
C TYR B 228 20.49 -9.36 -8.04
N VAL B 229 21.60 -8.69 -8.37
CA VAL B 229 21.94 -8.40 -9.75
C VAL B 229 22.90 -9.41 -10.33
N GLY B 230 23.34 -10.40 -9.54
CA GLY B 230 24.20 -11.44 -10.07
C GLY B 230 25.64 -11.03 -10.23
N ALA B 231 26.13 -10.15 -9.38
CA ALA B 231 27.43 -9.51 -9.59
C ALA B 231 28.50 -10.20 -8.76
N THR B 232 29.67 -9.57 -8.68
CA THR B 232 30.78 -10.01 -7.83
C THR B 232 31.13 -8.87 -6.87
N GLN B 233 31.25 -9.21 -5.60
CA GLN B 233 31.48 -8.23 -4.54
C GLN B 233 32.74 -8.59 -3.77
N ILE B 234 33.68 -7.64 -3.66
CA ILE B 234 34.86 -7.82 -2.83
C ILE B 234 34.58 -7.20 -1.45
N LEU B 235 34.94 -7.95 -0.41
CA LEU B 235 34.60 -7.53 0.97
C LEU B 235 35.85 -7.50 1.84
N MET B 236 35.90 -6.55 2.76
CA MET B 236 37.00 -6.47 3.72
C MET B 236 36.40 -5.98 5.05
N PRO B 237 37.02 -6.27 6.21
CA PRO B 237 36.52 -5.76 7.47
C PRO B 237 36.59 -4.23 7.52
N PRO B 238 35.67 -3.57 8.25
CA PRO B 238 35.74 -2.13 8.40
C PRO B 238 37.08 -1.71 9.04
N VAL B 239 37.55 -2.47 10.04
CA VAL B 239 38.85 -2.18 10.71
C VAL B 239 39.95 -2.04 9.66
N ALA B 240 39.94 -2.90 8.64
CA ALA B 240 40.98 -2.87 7.63
C ALA B 240 40.99 -1.54 6.90
N PHE B 241 39.81 -1.00 6.57
CA PHE B 241 39.76 0.31 5.93
C PHE B 241 40.05 1.41 6.94
N LEU B 242 39.53 1.27 8.14
CA LEU B 242 39.68 2.36 9.13
C LEU B 242 41.14 2.57 9.48
N GLN B 243 41.90 1.48 9.66
CA GLN B 243 43.34 1.56 10.00
C GLN B 243 44.15 2.12 8.82
N ARG B 244 43.85 1.71 7.60
CA ARG B 244 44.58 2.17 6.40
C ARG B 244 43.55 2.51 5.30
N PRO B 245 42.99 3.74 5.25
CA PRO B 245 41.94 4.05 4.25
C PRO B 245 42.35 3.75 2.82
N PHE B 246 43.65 3.81 2.54
CA PHE B 246 44.19 3.46 1.23
C PHE B 246 43.62 2.16 0.69
N ARG B 247 43.37 1.18 1.57
CA ARG B 247 42.96 -0.15 1.08
C ARG B 247 41.62 -0.13 0.34
N TRP B 248 40.71 0.79 0.72
CA TRP B 248 39.43 0.89 0.01
C TRP B 248 39.65 1.27 -1.45
N LEU B 249 40.41 2.33 -1.68
CA LEU B 249 40.65 2.83 -3.04
C LEU B 249 41.65 1.97 -3.80
N LYS B 250 42.61 1.34 -3.12
CA LYS B 250 43.47 0.36 -3.79
C LYS B 250 42.65 -0.82 -4.30
N ALA B 251 41.68 -1.28 -3.52
CA ALA B 251 40.79 -2.35 -3.99
C ALA B 251 39.99 -1.93 -5.22
N ILE B 252 39.44 -0.70 -5.21
CA ILE B 252 38.70 -0.23 -6.37
C ILE B 252 39.57 -0.26 -7.61
N ASN B 253 40.83 0.20 -7.47
CA ASN B 253 41.74 0.21 -8.58
C ASN B 253 42.07 -1.20 -9.03
N ASP B 254 42.36 -2.08 -8.06
CA ASP B 254 42.88 -3.41 -8.37
C ASP B 254 41.85 -4.28 -9.07
N TYR B 255 40.59 -4.25 -8.62
CA TYR B 255 39.54 -5.08 -9.19
C TYR B 255 38.68 -4.34 -10.22
N ARG B 256 39.03 -3.10 -10.56
CA ARG B 256 38.23 -2.26 -11.46
C ARG B 256 36.80 -2.12 -10.95
N VAL B 257 36.67 -1.76 -9.67
CA VAL B 257 35.36 -1.70 -9.05
C VAL B 257 34.53 -0.59 -9.67
N SER B 258 33.26 -0.87 -9.91
CA SER B 258 32.34 0.10 -10.49
C SER B 258 31.48 0.80 -9.45
N THR B 259 31.18 0.11 -8.35
CA THR B 259 30.14 0.47 -7.41
C THR B 259 30.64 0.24 -5.99
N SER B 260 30.87 1.33 -5.27
CA SER B 260 31.24 1.28 -3.87
C SER B 260 30.73 2.57 -3.22
N GLY B 261 30.65 2.56 -1.91
CA GLY B 261 30.18 3.72 -1.19
C GLY B 261 30.42 3.54 0.30
N ALA B 262 30.06 4.58 1.05
CA ALA B 262 30.36 4.69 2.46
C ALA B 262 29.62 5.89 3.02
N PRO B 263 29.55 6.07 4.34
CA PRO B 263 29.04 7.32 4.89
C PRO B 263 30.01 8.46 4.59
N ASN B 264 29.50 9.68 4.75
CA ASN B 264 30.25 10.89 4.40
C ASN B 264 31.67 10.92 4.97
N PHE B 265 31.81 10.60 6.26
CA PHE B 265 33.10 10.67 6.95
C PHE B 265 34.16 9.80 6.29
N ALA B 266 33.77 8.72 5.63
CA ALA B 266 34.77 7.89 4.98
C ALA B 266 35.44 8.63 3.83
N TYR B 267 34.71 9.52 3.14
CA TYR B 267 35.34 10.29 2.09
C TYR B 267 36.32 11.31 2.67
N ASP B 268 35.99 11.92 3.81
CA ASP B 268 36.95 12.79 4.48
C ASP B 268 38.19 12.02 4.90
N LEU B 269 37.98 10.84 5.49
CA LEU B 269 39.09 9.98 5.90
C LEU B 269 40.01 9.69 4.71
N CYS B 270 39.43 9.37 3.55
CA CYS B 270 40.26 9.10 2.38
C CYS B 270 41.08 10.32 1.94
N ALA B 271 40.46 11.49 1.92
CA ALA B 271 41.18 12.68 1.44
C ALA B 271 42.31 13.01 2.42
N SER B 272 42.06 12.87 3.71
CA SER B 272 43.05 13.19 4.76
C SER B 272 44.21 12.20 4.89
N GLN B 273 43.96 10.89 4.75
CA GLN B 273 45.01 9.88 5.11
C GLN B 273 45.62 9.11 3.94
N ILE B 274 45.37 9.50 2.70
CA ILE B 274 45.98 8.82 1.56
C ILE B 274 47.01 9.75 0.95
N THR B 275 48.28 9.32 0.94
CA THR B 275 49.38 10.17 0.56
C THR B 275 49.40 10.43 -0.94
N PRO B 276 50.08 11.49 -1.38
CA PRO B 276 50.19 11.73 -2.83
C PRO B 276 50.84 10.59 -3.58
N GLU B 277 51.84 9.93 -2.99
CA GLU B 277 52.41 8.77 -3.67
C GLU B 277 51.40 7.63 -3.73
N GLN B 278 50.65 7.41 -2.64
CA GLN B 278 49.57 6.45 -2.70
C GLN B 278 48.55 6.84 -3.77
N ILE B 279 48.21 8.12 -3.83
CA ILE B 279 47.23 8.58 -4.81
C ILE B 279 47.74 8.30 -6.22
N ARG B 280 49.05 8.43 -6.43
CA ARG B 280 49.62 8.10 -7.73
C ARG B 280 49.55 6.61 -8.05
N GLU B 281 49.29 5.74 -7.07
CA GLU B 281 49.08 4.33 -7.35
C GLU B 281 47.67 4.02 -7.85
N LEU B 282 46.77 5.00 -7.91
CA LEU B 282 45.35 4.77 -8.10
C LEU B 282 44.88 5.16 -9.49
N ASP B 283 43.98 4.36 -10.05
CA ASP B 283 43.25 4.73 -11.25
C ASP B 283 41.77 4.42 -11.01
N LEU B 284 41.03 5.42 -10.52
CA LEU B 284 39.62 5.24 -10.19
C LEU B 284 38.69 5.66 -11.33
N SER B 285 39.23 5.78 -12.56
CA SER B 285 38.40 6.10 -13.72
C SER B 285 37.26 5.12 -13.91
N CYS B 286 37.41 3.88 -13.41
CA CYS B 286 36.38 2.85 -13.48
C CYS B 286 35.27 3.04 -12.45
N TRP B 287 35.51 3.82 -11.40
CA TRP B 287 34.56 3.98 -10.30
C TRP B 287 33.42 4.86 -10.77
N ARG B 288 32.31 4.23 -11.16
CA ARG B 288 31.21 4.90 -11.84
C ARG B 288 30.13 5.39 -10.88
N LEU B 289 29.92 4.65 -9.79
CA LEU B 289 28.89 4.98 -8.82
C LEU B 289 29.52 4.97 -7.44
N ALA B 290 29.67 6.14 -6.84
CA ALA B 290 30.31 6.33 -5.54
C ALA B 290 29.24 6.83 -4.60
N PHE B 291 28.54 5.91 -3.93
CA PHE B 291 27.39 6.34 -3.16
C PHE B 291 27.83 6.84 -1.79
N SER B 292 27.04 7.78 -1.24
CA SER B 292 27.28 8.37 0.10
C SER B 292 25.96 8.48 0.82
N GLY B 293 25.86 7.85 1.99
CA GLY B 293 24.61 7.87 2.76
C GLY B 293 24.81 7.39 4.18
N ALA B 294 23.77 7.47 5.00
CA ALA B 294 23.78 7.01 6.41
C ALA B 294 24.13 8.17 7.33
N GLU B 295 24.50 9.30 6.74
CA GLU B 295 24.91 10.47 7.55
C GLU B 295 24.78 11.75 6.71
N PRO B 296 24.65 12.97 7.31
CA PRO B 296 24.62 14.18 6.49
C PRO B 296 25.68 14.16 5.42
N ILE B 297 25.27 14.52 4.20
CA ILE B 297 26.16 14.65 3.06
C ILE B 297 26.60 16.09 2.98
N ARG B 298 27.90 16.32 3.13
CA ARG B 298 28.44 17.68 3.22
C ARG B 298 29.11 18.07 1.92
N ALA B 299 28.83 19.27 1.42
CA ALA B 299 29.39 19.75 0.14
C ALA B 299 30.91 19.85 0.23
N VAL B 300 31.40 20.24 1.40
CA VAL B 300 32.86 20.42 1.57
C VAL B 300 33.51 19.04 1.37
N THR B 301 32.88 18.00 1.91
CA THR B 301 33.44 16.63 1.80
C THR B 301 33.51 16.22 0.33
N LEU B 302 32.39 16.33 -0.38
CA LEU B 302 32.41 15.97 -1.80
C LEU B 302 33.48 16.76 -2.53
N GLU B 303 33.59 18.04 -2.23
CA GLU B 303 34.53 18.87 -2.97
C GLU B 303 35.97 18.49 -2.65
N ASN B 304 36.27 18.20 -1.37
CA ASN B 304 37.63 17.84 -1.00
C ASN B 304 38.02 16.49 -1.60
N PHE B 305 37.12 15.52 -1.56
CA PHE B 305 37.38 14.24 -2.18
C PHE B 305 37.56 14.38 -3.68
N ALA B 306 36.59 14.99 -4.36
CA ALA B 306 36.68 15.14 -5.81
C ALA B 306 37.98 15.80 -6.21
N LYS B 307 38.43 16.77 -5.41
CA LYS B 307 39.68 17.48 -5.73
C LYS B 307 40.89 16.65 -5.37
N THR B 308 40.86 15.93 -4.26
CA THR B 308 42.08 15.21 -3.89
C THR B 308 42.36 14.09 -4.86
N PHE B 309 41.32 13.52 -5.48
CA PHE B 309 41.48 12.33 -6.30
C PHE B 309 41.15 12.58 -7.78
N ALA B 310 41.03 13.82 -8.22
CA ALA B 310 40.82 14.07 -9.67
C ALA B 310 42.00 13.55 -10.51
N THR B 311 43.22 13.67 -10.03
CA THR B 311 44.44 13.20 -10.75
C THR B 311 44.38 11.68 -10.90
N ALA B 312 43.70 10.99 -9.98
CA ALA B 312 43.55 9.52 -10.05
C ALA B 312 42.39 9.14 -10.96
N GLY B 313 41.77 10.11 -11.63
CA GLY B 313 40.71 9.76 -12.55
C GLY B 313 39.34 9.66 -11.95
N PHE B 314 39.19 10.08 -10.69
CA PHE B 314 37.85 10.11 -10.06
C PHE B 314 37.09 11.34 -10.57
N GLN B 315 35.82 11.17 -10.87
CA GLN B 315 34.95 12.29 -11.32
C GLN B 315 33.86 12.53 -10.27
N LYS B 316 33.62 13.79 -9.92
CA LYS B 316 32.59 14.14 -8.92
C LYS B 316 31.22 13.64 -9.38
N SER B 317 31.01 13.48 -10.69
CA SER B 317 29.74 12.99 -11.22
C SER B 317 29.46 11.53 -10.88
N ALA B 318 30.46 10.79 -10.38
CA ALA B 318 30.20 9.46 -9.84
C ALA B 318 29.44 9.52 -8.53
N PHE B 319 29.53 10.63 -7.79
CA PHE B 319 28.88 10.69 -6.49
C PHE B 319 27.38 10.45 -6.66
N TYR B 320 26.86 9.56 -5.82
CA TYR B 320 25.46 9.14 -5.85
C TYR B 320 24.96 9.35 -4.42
N PRO B 321 24.46 10.55 -4.10
CA PRO B 321 23.87 10.75 -2.77
C PRO B 321 22.62 9.92 -2.63
N CYS B 322 22.38 9.43 -1.42
CA CYS B 322 21.20 8.62 -1.22
C CYS B 322 20.81 8.70 0.24
N TYR B 323 19.55 8.41 0.51
CA TYR B 323 19.03 8.48 1.86
C TYR B 323 18.13 7.27 2.10
N GLY B 324 18.16 6.76 3.31
CA GLY B 324 17.25 5.69 3.70
C GLY B 324 17.46 5.35 5.15
N MET B 325 16.71 4.36 5.63
CA MET B 325 16.79 3.97 7.04
C MET B 325 16.34 2.53 7.16
N ALA B 326 16.47 2.00 8.38
CA ALA B 326 16.10 0.61 8.62
C ALA B 326 14.60 0.40 8.42
N GLU B 327 13.77 1.33 8.85
CA GLU B 327 12.29 1.22 8.75
C GLU B 327 11.82 1.26 7.29
N THR B 328 12.65 1.77 6.39
CA THR B 328 12.30 1.76 4.94
C THR B 328 13.11 0.63 4.29
N THR B 329 13.51 -0.37 5.08
CA THR B 329 14.35 -1.50 4.60
C THR B 329 15.75 -0.95 4.30
N LEU B 330 15.88 -0.03 3.34
CA LEU B 330 17.17 0.65 3.09
C LEU B 330 16.91 1.94 2.29
N ILE B 331 17.00 1.90 0.96
CA ILE B 331 16.93 3.15 0.15
C ILE B 331 15.56 3.83 0.05
N VAL B 332 15.57 5.16 0.05
CA VAL B 332 14.33 5.95 -0.22
C VAL B 332 14.64 6.82 -1.44
N SER B 333 15.78 7.51 -1.45
CA SER B 333 16.09 8.41 -2.56
C SER B 333 17.55 8.26 -2.95
N GLY B 334 17.86 8.67 -4.18
CA GLY B 334 19.23 8.63 -4.64
C GLY B 334 19.38 9.30 -5.98
N GLY B 335 20.64 9.53 -6.34
CA GLY B 335 20.98 10.07 -7.64
C GLY B 335 20.93 11.58 -7.67
N ASN B 336 21.29 12.14 -8.83
CA ASN B 336 21.23 13.57 -9.04
C ASN B 336 20.23 13.93 -10.10
N GLY B 337 19.46 12.95 -10.59
CA GLY B 337 18.50 13.20 -11.64
C GLY B 337 19.15 13.52 -12.96
N ALA B 338 18.70 14.63 -13.55
CA ALA B 338 19.25 15.01 -14.84
C ALA B 338 20.56 15.78 -14.70
N ALA B 339 20.99 16.01 -13.48
CA ALA B 339 22.28 16.69 -13.25
C ALA B 339 23.40 15.65 -13.19
N GLN B 340 24.55 15.98 -13.73
CA GLN B 340 25.73 15.08 -13.60
C GLN B 340 26.24 15.11 -12.17
N LEU B 341 26.22 16.28 -11.53
CA LEU B 341 26.84 16.44 -10.19
C LEU B 341 25.80 16.47 -9.05
N PRO B 342 26.09 16.00 -7.81
CA PRO B 342 25.12 16.10 -6.72
C PRO B 342 24.56 17.50 -6.58
N GLN B 343 23.23 17.58 -6.58
CA GLN B 343 22.58 18.88 -6.48
C GLN B 343 22.82 19.47 -5.10
N GLU B 344 23.19 20.75 -5.08
CA GLU B 344 23.46 21.51 -3.86
C GLU B 344 22.78 22.86 -4.00
N ILE B 345 22.18 23.31 -2.91
CA ILE B 345 21.49 24.60 -2.86
C ILE B 345 22.18 25.42 -1.79
N ILE B 346 22.21 26.75 -1.99
CA ILE B 346 22.76 27.68 -1.03
C ILE B 346 21.60 28.50 -0.47
N VAL B 347 21.26 28.29 0.81
CA VAL B 347 20.05 28.86 1.38
C VAL B 347 20.36 29.60 2.67
N SER B 348 19.37 30.34 3.15
CA SER B 348 19.54 31.16 4.34
C SER B 348 19.67 30.30 5.59
N LYS B 349 20.76 30.53 6.35
CA LYS B 349 20.99 29.77 7.57
C LYS B 349 19.89 30.03 8.61
N GLN B 350 19.55 31.30 8.83
CA GLN B 350 18.50 31.63 9.79
C GLN B 350 17.13 31.19 9.27
N GLY B 351 16.95 31.16 7.95
CA GLY B 351 15.72 30.62 7.40
C GLY B 351 15.53 29.18 7.81
N ILE B 352 16.59 28.37 7.72
CA ILE B 352 16.55 26.98 8.15
C ILE B 352 16.10 26.88 9.61
N GLU B 353 16.73 27.67 10.49
CA GLU B 353 16.32 27.73 11.89
C GLU B 353 14.84 28.04 12.04
N ALA B 354 14.19 28.53 10.99
CA ALA B 354 12.76 28.85 11.04
C ALA B 354 11.95 27.90 10.17
N ASN B 355 12.52 26.75 9.81
CA ASN B 355 11.84 25.71 9.02
C ASN B 355 11.45 26.22 7.64
N GLN B 356 12.31 27.05 7.06
CA GLN B 356 12.07 27.69 5.77
C GLN B 356 13.27 27.51 4.86
N VAL B 357 12.99 27.29 3.58
CA VAL B 357 14.01 27.13 2.57
C VAL B 357 13.89 28.33 1.66
N ARG B 358 14.87 29.22 1.71
CA ARG B 358 14.83 30.47 0.97
C ARG B 358 16.23 31.03 0.90
N PRO B 359 16.52 31.90 -0.06
CA PRO B 359 17.84 32.54 -0.12
C PRO B 359 18.02 33.55 1.01
N ALA B 360 19.29 33.89 1.25
CA ALA B 360 19.64 34.87 2.28
C ALA B 360 19.27 36.30 1.87
N GLN B 361 18.75 37.07 2.83
CA GLN B 361 18.49 38.49 2.65
C GLN B 361 19.20 39.25 3.76
N GLU B 364 21.81 38.09 7.20
CA GLU B 364 21.83 36.67 7.49
C GLU B 364 22.80 35.93 6.58
N THR B 365 23.33 34.82 7.10
CA THR B 365 24.34 34.00 6.45
C THR B 365 23.68 32.88 5.65
N THR B 366 24.51 32.15 4.91
CA THR B 366 24.06 31.12 3.99
C THR B 366 24.60 29.77 4.47
N VAL B 367 23.83 28.72 4.18
CA VAL B 367 24.23 27.32 4.46
C VAL B 367 24.13 26.55 3.13
N THR B 368 25.06 25.63 2.89
CA THR B 368 25.07 24.84 1.64
C THR B 368 24.55 23.43 1.95
N LEU B 369 23.41 23.07 1.35
CA LEU B 369 22.77 21.77 1.63
C LEU B 369 22.82 20.89 0.39
N VAL B 370 23.27 19.64 0.55
CA VAL B 370 23.39 18.70 -0.59
C VAL B 370 22.16 17.81 -0.63
N GLY B 371 21.57 17.65 -1.81
CA GLY B 371 20.41 16.78 -1.97
C GLY B 371 20.77 15.31 -1.78
N SER B 372 19.86 14.53 -1.20
CA SER B 372 20.05 13.12 -1.00
C SER B 372 19.34 12.31 -2.09
N GLY B 373 19.19 12.88 -3.29
CA GLY B 373 18.65 12.13 -4.40
C GLY B 373 17.15 12.34 -4.56
N GLU B 374 16.65 11.79 -5.65
CA GLU B 374 15.22 11.75 -5.93
C GLU B 374 14.60 10.47 -5.43
N VAL B 375 13.34 10.56 -5.01
CA VAL B 375 12.61 9.39 -4.53
C VAL B 375 12.60 8.34 -5.63
N ILE B 376 13.08 7.14 -5.31
CA ILE B 376 13.24 6.09 -6.31
C ILE B 376 11.94 5.32 -6.47
N GLY B 377 11.53 5.14 -7.71
CA GLY B 377 10.47 4.18 -8.01
C GLY B 377 9.10 4.62 -7.56
N ASP B 378 8.31 3.63 -7.12
CA ASP B 378 6.88 3.80 -6.90
C ASP B 378 6.53 4.17 -5.45
N GLN B 379 7.48 4.62 -4.65
CA GLN B 379 7.13 5.00 -3.30
C GLN B 379 6.85 6.50 -3.24
N ILE B 380 6.24 6.95 -2.14
CA ILE B 380 5.77 8.33 -2.00
C ILE B 380 6.45 8.94 -0.78
N VAL B 381 6.98 10.14 -0.94
CA VAL B 381 7.60 10.85 0.18
C VAL B 381 6.85 12.16 0.34
N LYS B 382 6.52 12.49 1.59
CA LYS B 382 5.89 13.77 1.87
C LYS B 382 6.61 14.46 3.00
N ILE B 383 6.50 15.78 3.01
CA ILE B 383 7.05 16.64 4.04
C ILE B 383 5.89 17.07 4.91
N VAL B 384 5.84 16.58 6.14
CA VAL B 384 4.66 16.82 7.02
C VAL B 384 5.06 17.54 8.32
N ASP B 385 4.25 18.52 8.74
CA ASP B 385 4.50 19.21 10.02
C ASP B 385 4.39 18.17 11.14
N PRO B 386 5.43 17.98 11.96
CA PRO B 386 5.43 16.92 12.95
C PRO B 386 4.44 17.13 14.08
N GLN B 387 3.80 18.29 14.07
CA GLN B 387 2.90 18.60 15.22
C GLN B 387 1.43 18.60 14.77
N ALA B 388 1.06 19.50 13.87
CA ALA B 388 -0.31 19.62 13.33
C ALA B 388 -0.69 18.41 12.46
N LEU B 389 0.30 17.74 11.87
CA LEU B 389 0.08 16.56 10.99
C LEU B 389 -0.55 17.06 9.69
N THR B 390 -0.07 18.19 9.19
CA THR B 390 -0.54 18.74 7.93
C THR B 390 0.60 18.79 6.94
N GLU B 391 0.30 18.59 5.66
CA GLU B 391 1.38 18.56 4.69
C GLU B 391 1.96 19.95 4.51
N CYS B 392 3.28 20.05 4.50
CA CYS B 392 3.90 21.33 4.26
C CYS B 392 3.78 21.75 2.80
N THR B 393 3.87 23.04 2.55
CA THR B 393 3.99 23.56 1.21
C THR B 393 5.47 23.66 0.83
N VAL B 394 5.75 24.19 -0.35
CA VAL B 394 7.12 24.27 -0.83
C VAL B 394 7.85 25.38 -0.09
N GLY B 395 9.14 25.18 0.16
CA GLY B 395 9.91 26.07 0.99
C GLY B 395 9.80 25.79 2.46
N GLU B 396 8.99 24.81 2.86
CA GLU B 396 8.73 24.51 4.25
C GLU B 396 9.46 23.23 4.62
N ILE B 397 10.11 23.26 5.76
CA ILE B 397 10.80 22.11 6.32
C ILE B 397 9.84 21.38 7.24
N GLY B 398 9.79 20.06 7.12
CA GLY B 398 8.95 19.28 8.00
C GLY B 398 9.49 17.89 8.18
N GLU B 399 8.69 16.99 8.74
CA GLU B 399 9.15 15.62 8.91
C GLU B 399 8.98 14.86 7.61
N VAL B 400 9.99 14.09 7.26
CA VAL B 400 9.93 13.29 6.04
C VAL B 400 9.09 12.06 6.32
N TRP B 401 8.00 11.90 5.59
CA TRP B 401 7.12 10.75 5.72
C TRP B 401 7.23 9.89 4.47
N VAL B 402 7.35 8.58 4.65
CA VAL B 402 7.57 7.69 3.47
C VAL B 402 6.45 6.64 3.37
N LYS B 403 5.86 6.49 2.19
CA LYS B 403 4.86 5.40 1.99
C LYS B 403 5.28 4.55 0.79
N GLY B 404 5.34 3.24 1.00
CA GLY B 404 5.76 2.35 -0.09
C GLY B 404 5.97 0.92 0.38
N GLU B 405 6.16 0.01 -0.57
CA GLU B 405 6.32 -1.40 -0.21
C GLU B 405 7.66 -1.73 0.44
N SER B 406 8.62 -0.81 0.45
CA SER B 406 9.83 -0.99 1.25
C SER B 406 9.68 -0.54 2.70
N VAL B 407 8.53 0.01 3.05
CA VAL B 407 8.30 0.33 4.48
C VAL B 407 8.09 -1.00 5.20
N ALA B 408 8.77 -1.17 6.34
CA ALA B 408 8.75 -2.44 7.10
C ALA B 408 7.40 -2.70 7.77
N GLN B 409 7.25 -3.90 8.31
CA GLN B 409 5.99 -4.31 8.99
C GLN B 409 5.79 -3.62 10.35
N GLY B 410 6.81 -2.94 10.87
CA GLY B 410 6.70 -2.33 12.18
C GLY B 410 7.91 -2.65 13.04
N TYR B 411 7.78 -2.36 14.34
CA TYR B 411 8.80 -2.63 15.33
C TYR B 411 8.45 -3.90 16.09
N TRP B 412 9.43 -4.77 16.27
CA TRP B 412 9.22 -6.01 16.99
C TRP B 412 8.65 -5.75 18.37
N GLN B 413 7.42 -6.25 18.58
CA GLN B 413 6.74 -6.28 19.89
C GLN B 413 6.64 -4.90 20.52
N LYS B 414 6.43 -3.89 19.68
CA LYS B 414 6.15 -2.52 20.11
C LYS B 414 4.91 -2.04 19.37
N PRO B 415 3.74 -2.56 19.72
CA PRO B 415 2.55 -2.21 18.93
C PRO B 415 2.19 -0.72 19.03
N ASP B 416 2.32 -0.11 20.22
CA ASP B 416 2.02 1.31 20.35
C ASP B 416 2.96 2.16 19.50
N LEU B 417 4.28 1.97 19.65
CA LEU B 417 5.22 2.75 18.84
C LEU B 417 5.04 2.43 17.36
N THR B 418 4.79 1.16 17.04
CA THR B 418 4.53 0.81 15.64
C THR B 418 3.36 1.61 15.09
N GLN B 419 2.20 1.57 15.78
CA GLN B 419 1.03 2.30 15.33
C GLN B 419 1.34 3.78 15.13
N GLN B 420 2.02 4.36 16.11
CA GLN B 420 2.32 5.79 16.08
C GLN B 420 3.21 6.16 14.89
N GLN B 421 4.22 5.33 14.60
CA GLN B 421 5.22 5.69 13.56
C GLN B 421 4.89 5.10 12.18
N PHE B 422 4.18 3.98 12.09
CA PHE B 422 3.90 3.33 10.79
C PHE B 422 2.46 3.58 10.33
N GLN B 423 1.69 4.34 11.11
CA GLN B 423 0.32 4.70 10.69
C GLN B 423 0.20 6.22 10.77
N GLY B 424 1.00 6.90 9.95
CA GLY B 424 1.00 8.36 9.89
C GLY B 424 -0.10 8.86 9.00
N ASN B 425 -0.96 9.68 9.58
CA ASN B 425 -2.10 10.26 8.81
C ASN B 425 -1.86 11.73 8.53
N VAL B 426 -2.15 12.16 7.31
CA VAL B 426 -2.00 13.55 6.92
C VAL B 426 -3.00 13.84 5.82
N GLY B 427 -3.78 14.91 6.01
CA GLY B 427 -4.85 15.22 5.09
C GLY B 427 -5.75 14.02 4.85
N ALA B 428 -5.92 13.68 3.57
CA ALA B 428 -6.75 12.55 3.17
C ALA B 428 -5.94 11.28 3.06
N GLU B 429 -4.66 11.30 3.45
CA GLU B 429 -3.73 10.19 3.28
C GLU B 429 -3.57 9.38 4.57
N THR B 430 -3.27 8.09 4.39
CA THR B 430 -3.02 7.18 5.51
C THR B 430 -1.74 6.42 5.23
N GLY B 431 -1.27 5.71 6.26
CA GLY B 431 -0.23 4.71 6.09
C GLY B 431 1.19 5.17 5.87
N PHE B 432 1.55 6.37 6.32
CA PHE B 432 2.91 6.85 6.11
C PHE B 432 3.80 6.51 7.27
N LEU B 433 5.02 6.11 6.95
CA LEU B 433 6.02 5.89 7.98
C LEU B 433 6.59 7.24 8.36
N ARG B 434 6.63 7.53 9.66
CA ARG B 434 7.23 8.76 10.14
C ARG B 434 8.71 8.48 10.40
N THR B 435 9.58 9.06 9.56
CA THR B 435 10.99 8.72 9.58
C THR B 435 11.70 9.25 10.82
N GLY B 436 11.14 10.29 11.45
CA GLY B 436 11.89 10.97 12.48
C GLY B 436 13.01 11.84 11.94
N ASP B 437 13.02 12.10 10.64
CA ASP B 437 14.00 12.98 10.02
C ASP B 437 13.32 14.24 9.52
N LEU B 438 14.01 15.37 9.63
CA LEU B 438 13.48 16.61 9.09
C LEU B 438 14.11 16.85 7.74
N GLY B 439 13.36 17.56 6.89
CA GLY B 439 13.86 17.85 5.56
C GLY B 439 12.79 18.52 4.71
N PHE B 440 13.00 18.45 3.41
CA PHE B 440 12.14 19.18 2.49
C PHE B 440 12.44 18.68 1.09
N LEU B 441 11.50 18.93 0.19
CA LEU B 441 11.64 18.56 -1.21
C LEU B 441 11.96 19.79 -2.02
N GLN B 442 12.97 19.69 -2.88
CA GLN B 442 13.36 20.82 -3.74
C GLN B 442 13.98 20.28 -5.03
N GLY B 443 13.40 20.67 -6.15
CA GLY B 443 13.88 20.29 -7.45
C GLY B 443 13.79 18.80 -7.72
N GLY B 444 12.75 18.15 -7.22
CA GLY B 444 12.63 16.70 -7.30
C GLY B 444 13.55 15.94 -6.36
N GLU B 445 14.35 16.64 -5.56
CA GLU B 445 15.27 16.01 -4.63
C GLU B 445 14.80 16.13 -3.18
N LEU B 446 15.20 15.16 -2.40
CA LEU B 446 14.92 15.12 -0.97
C LEU B 446 16.15 15.66 -0.26
N TYR B 447 15.98 16.73 0.49
CA TYR B 447 17.06 17.25 1.31
C TYR B 447 16.76 16.85 2.75
N ILE B 448 17.78 16.36 3.45
CA ILE B 448 17.66 15.96 4.85
C ILE B 448 18.40 17.01 5.67
N THR B 449 17.73 17.57 6.66
CA THR B 449 18.35 18.54 7.53
C THR B 449 18.80 17.96 8.86
N GLY B 450 18.11 16.96 9.38
CA GLY B 450 18.55 16.38 10.63
C GLY B 450 17.48 15.53 11.28
N ARG B 451 17.81 15.07 12.48
CA ARG B 451 16.94 14.23 13.28
C ARG B 451 16.06 15.11 14.14
N LEU B 452 14.75 14.85 14.08
CA LEU B 452 13.77 15.55 14.88
C LEU B 452 14.05 15.42 16.38
N LYS B 453 14.40 14.23 16.83
CA LYS B 453 14.63 13.97 18.25
C LYS B 453 15.87 14.67 18.79
N ASP B 454 16.87 14.93 17.95
CA ASP B 454 18.08 15.59 18.40
C ASP B 454 18.03 17.09 18.17
N LEU B 455 16.94 17.57 17.56
CA LEU B 455 16.81 18.99 17.29
C LEU B 455 16.87 19.78 18.59
N LEU B 456 17.64 20.86 18.56
CA LEU B 456 17.77 21.71 19.74
C LEU B 456 16.80 22.87 19.60
N ILE B 457 15.74 22.90 20.42
CA ILE B 457 14.84 24.07 20.40
C ILE B 457 15.26 24.90 21.60
N ILE B 458 15.99 25.98 21.34
CA ILE B 458 16.55 26.78 22.47
C ILE B 458 16.20 28.24 22.22
N ARG B 459 15.70 28.92 23.25
CA ARG B 459 15.47 30.38 23.14
C ARG B 459 14.59 30.72 21.95
N GLY B 460 13.58 29.89 21.67
CA GLY B 460 12.62 30.20 20.60
C GLY B 460 13.07 29.79 19.22
N ARG B 461 14.34 29.40 19.04
CA ARG B 461 14.77 29.10 17.68
C ARG B 461 15.27 27.66 17.58
N ASN B 462 15.23 27.11 16.36
CA ASN B 462 15.71 25.74 16.12
C ASN B 462 17.19 25.77 15.77
N HIS B 463 17.92 24.76 16.26
CA HIS B 463 19.33 24.61 15.93
C HIS B 463 19.61 23.14 15.67
N TYR B 464 20.36 22.86 14.61
CA TYR B 464 20.72 21.48 14.30
C TYR B 464 22.02 21.14 15.02
N PRO B 465 22.03 20.09 15.83
CA PRO B 465 23.23 19.81 16.64
C PRO B 465 24.47 19.54 15.81
N GLN B 466 24.33 18.89 14.65
CA GLN B 466 25.50 18.60 13.83
C GLN B 466 26.18 19.87 13.36
N ASP B 467 25.41 20.97 13.17
CA ASP B 467 25.99 22.26 12.82
C ASP B 467 26.82 22.84 13.95
N ILE B 468 26.31 22.75 15.19
CA ILE B 468 27.02 23.26 16.37
C ILE B 468 28.29 22.44 16.59
N GLU B 469 28.18 21.13 16.43
CA GLU B 469 29.33 20.22 16.65
C GLU B 469 30.46 20.54 15.65
N LEU B 470 30.12 20.86 14.40
CA LEU B 470 31.13 21.21 13.37
C LEU B 470 31.84 22.50 13.81
N THR B 471 31.08 23.43 14.39
CA THR B 471 31.68 24.67 14.93
C THR B 471 32.62 24.35 16.11
N VAL B 472 32.20 23.50 17.06
CA VAL B 472 33.04 23.27 18.23
C VAL B 472 34.33 22.56 17.85
N GLU B 473 34.25 21.54 16.99
CA GLU B 473 35.44 20.71 16.67
C GLU B 473 36.58 21.57 16.12
N VAL B 474 36.28 22.52 15.26
CA VAL B 474 37.35 23.32 14.58
C VAL B 474 37.73 24.53 15.44
N ALA B 475 37.05 24.76 16.55
CA ALA B 475 37.27 25.98 17.35
C ALA B 475 38.63 25.99 18.04
N HIS B 476 39.26 24.83 18.20
CA HIS B 476 40.50 24.77 18.96
C HIS B 476 41.24 23.49 18.61
N PRO B 477 42.58 23.51 18.52
CA PRO B 477 43.32 22.28 18.16
C PRO B 477 43.14 21.16 19.15
N ALA B 478 42.84 21.46 20.42
CA ALA B 478 42.69 20.43 21.44
C ALA B 478 41.45 19.56 21.21
N LEU B 479 40.58 19.94 20.29
CA LEU B 479 39.29 19.30 20.16
C LEU B 479 39.34 18.30 19.02
N ARG B 480 38.86 17.09 19.30
CA ARG B 480 38.95 15.97 18.39
C ARG B 480 37.77 15.97 17.43
N GLN B 481 38.06 15.87 16.13
CA GLN B 481 37.02 15.90 15.12
C GLN B 481 36.04 14.74 15.26
N GLY B 482 34.77 15.01 15.00
CA GLY B 482 33.79 13.95 14.95
C GLY B 482 33.47 13.27 16.25
N ALA B 483 33.84 13.85 17.39
CA ALA B 483 33.61 13.24 18.69
C ALA B 483 33.01 14.26 19.67
N GLY B 484 31.99 14.97 19.23
CA GLY B 484 31.29 15.92 20.08
C GLY B 484 29.79 15.79 19.91
N ALA B 485 29.07 16.30 20.91
CA ALA B 485 27.61 16.26 20.92
C ALA B 485 27.06 17.57 21.48
N ALA B 486 26.13 18.19 20.75
CA ALA B 486 25.41 19.36 21.22
C ALA B 486 24.02 18.92 21.63
N VAL B 487 23.70 19.10 22.91
CA VAL B 487 22.45 18.67 23.50
C VAL B 487 21.86 19.85 24.27
N SER B 488 20.56 19.78 24.53
CA SER B 488 19.90 20.79 25.33
C SER B 488 19.48 20.20 26.67
N VAL B 489 19.64 20.98 27.72
CA VAL B 489 19.32 20.55 29.07
C VAL B 489 18.41 21.61 29.69
N ASP B 490 17.52 21.16 30.57
CA ASP B 490 16.57 22.04 31.23
C ASP B 490 17.27 22.77 32.38
N VAL B 491 17.36 24.08 32.26
CA VAL B 491 17.84 24.96 33.31
C VAL B 491 16.64 25.76 33.78
N ASN B 492 16.05 25.40 34.92
CA ASN B 492 14.90 26.08 35.52
C ASN B 492 13.76 26.30 34.52
N GLY B 493 13.47 25.26 33.72
CA GLY B 493 12.34 25.33 32.81
C GLY B 493 12.66 25.88 31.44
N GLU B 494 13.89 26.22 31.17
CA GLU B 494 14.31 26.69 29.87
C GLU B 494 15.36 25.74 29.31
N GLU B 495 15.22 25.41 28.05
CA GLU B 495 16.21 24.59 27.37
C GLU B 495 17.48 25.38 27.10
N GLN B 496 18.63 24.79 27.42
CA GLN B 496 19.91 25.46 27.20
C GLN B 496 20.92 24.49 26.57
N LEU B 497 21.82 25.05 25.79
CA LEU B 497 22.80 24.25 25.08
C LEU B 497 23.87 23.73 26.04
N VAL B 498 24.24 22.46 25.87
CA VAL B 498 25.38 21.86 26.56
C VAL B 498 26.22 21.11 25.53
N ILE B 499 27.54 21.28 25.63
CA ILE B 499 28.51 20.74 24.68
C ILE B 499 29.27 19.63 25.41
N VAL B 500 29.27 18.43 24.83
CA VAL B 500 30.08 17.32 25.28
C VAL B 500 31.05 17.01 24.15
N GLN B 501 32.34 17.19 24.40
CA GLN B 501 33.34 17.18 23.34
C GLN B 501 34.59 16.49 23.83
N GLU B 502 35.05 15.52 23.03
CA GLU B 502 36.26 14.79 23.32
C GLU B 502 37.47 15.67 23.10
N VAL B 503 38.51 15.43 23.89
CA VAL B 503 39.79 16.08 23.71
C VAL B 503 40.77 15.08 23.10
N GLU B 504 41.70 15.60 22.31
CA GLU B 504 42.77 14.82 21.70
C GLU B 504 43.74 14.28 22.76
N ARG B 505 44.42 13.19 22.41
CA ARG B 505 45.20 12.46 23.40
C ARG B 505 46.19 13.34 24.18
N LYS B 506 46.91 14.25 23.51
CA LYS B 506 47.94 14.98 24.25
C LYS B 506 47.36 16.04 25.19
N TYR B 507 46.18 16.56 24.88
CA TYR B 507 45.54 17.57 25.72
C TYR B 507 44.68 16.95 26.81
N ALA B 508 44.66 15.62 26.93
CA ALA B 508 43.80 14.99 27.93
C ALA B 508 44.34 15.23 29.34
N ARG B 509 45.67 15.30 29.48
CA ARG B 509 46.32 15.64 30.73
C ARG B 509 46.73 17.11 30.81
N LYS B 510 46.81 17.79 29.65
CA LYS B 510 47.32 19.15 29.55
C LYS B 510 46.24 20.16 29.15
N LEU B 511 44.99 19.92 29.58
CA LEU B 511 43.86 20.73 29.12
C LEU B 511 43.78 22.06 29.86
N ASN B 512 43.78 23.16 29.09
CA ASN B 512 43.52 24.49 29.62
C ASN B 512 42.06 24.81 29.32
N VAL B 513 41.18 24.48 30.28
CA VAL B 513 39.74 24.63 30.06
C VAL B 513 39.38 26.07 29.74
N ALA B 514 39.93 27.01 30.50
CA ALA B 514 39.60 28.42 30.31
C ALA B 514 39.77 28.85 28.86
N ALA B 515 40.92 28.56 28.26
CA ALA B 515 41.15 28.98 26.88
C ALA B 515 40.28 28.21 25.89
N VAL B 516 40.22 26.89 26.04
CA VAL B 516 39.47 26.06 25.09
C VAL B 516 37.98 26.35 25.19
N ALA B 517 37.46 26.49 26.42
CA ALA B 517 36.06 26.85 26.58
C ALA B 517 35.77 28.20 25.96
N GLN B 518 36.68 29.16 26.14
CA GLN B 518 36.49 30.47 25.52
C GLN B 518 36.53 30.38 24.02
N ALA B 519 37.43 29.54 23.47
CA ALA B 519 37.44 29.33 22.03
C ALA B 519 36.12 28.76 21.54
N ILE B 520 35.53 27.84 22.31
CA ILE B 520 34.25 27.25 21.94
C ILE B 520 33.12 28.29 22.04
N ARG B 521 33.10 29.07 23.12
CA ARG B 521 32.05 30.05 23.28
C ARG B 521 32.05 31.07 22.13
N GLY B 522 33.22 31.63 21.80
CA GLY B 522 33.29 32.64 20.76
C GLY B 522 32.89 32.11 19.40
N ALA B 523 33.16 30.83 19.14
CA ALA B 523 32.75 30.22 17.88
C ALA B 523 31.25 29.91 17.86
N ILE B 524 30.69 29.44 18.96
CA ILE B 524 29.25 29.18 19.00
C ILE B 524 28.49 30.50 18.97
N ALA B 525 28.97 31.50 19.72
CA ALA B 525 28.36 32.83 19.67
C ALA B 525 28.39 33.40 18.26
N ALA B 526 29.53 33.28 17.58
CA ALA B 526 29.68 33.96 16.29
C ALA B 526 28.87 33.29 15.19
N GLU B 527 28.90 31.96 15.13
CA GLU B 527 28.20 31.27 14.05
C GLU B 527 26.75 30.93 14.35
N HIS B 528 26.36 30.84 15.63
CA HIS B 528 25.01 30.38 15.98
C HIS B 528 24.26 31.26 16.98
N GLN B 529 24.92 32.24 17.62
CA GLN B 529 24.29 33.17 18.58
C GLN B 529 23.65 32.51 19.82
N LEU B 530 24.34 31.48 20.29
CA LEU B 530 23.85 30.73 21.45
C LEU B 530 24.96 30.75 22.49
N GLN B 531 24.60 30.91 23.76
CA GLN B 531 25.61 30.79 24.82
C GLN B 531 25.50 29.37 25.37
N PRO B 532 26.55 28.54 25.31
CA PRO B 532 26.50 27.22 25.90
C PRO B 532 26.38 27.28 27.43
N GLN B 533 25.37 26.62 28.00
CA GLN B 533 25.31 26.55 29.46
C GLN B 533 26.56 25.91 30.08
N ALA B 534 27.05 24.81 29.50
CA ALA B 534 28.22 24.09 30.01
C ALA B 534 28.93 23.38 28.86
N ILE B 535 30.26 23.30 28.99
CA ILE B 535 31.07 22.51 28.10
C ILE B 535 31.74 21.43 28.92
N CYS B 536 31.49 20.18 28.54
CA CYS B 536 32.05 19.02 29.20
C CYS B 536 33.09 18.41 28.28
N PHE B 537 34.33 18.31 28.77
CA PHE B 537 35.44 17.71 28.03
C PHE B 537 35.65 16.28 28.50
N ILE B 538 35.75 15.35 27.55
CA ILE B 538 35.80 13.92 27.85
C ILE B 538 37.02 13.30 27.17
N LYS B 539 37.38 12.10 27.64
CA LYS B 539 38.56 11.43 27.14
C LYS B 539 38.36 10.94 25.70
N PRO B 540 39.44 10.86 24.92
CA PRO B 540 39.31 10.35 23.55
C PRO B 540 38.83 8.92 23.54
N GLY B 541 37.85 8.63 22.67
CA GLY B 541 37.22 7.33 22.57
C GLY B 541 36.08 7.09 23.55
N SER B 542 35.78 8.05 24.43
CA SER B 542 34.84 7.86 25.53
C SER B 542 33.42 8.32 25.23
N ILE B 543 33.22 9.07 24.15
CA ILE B 543 31.88 9.62 23.93
C ILE B 543 30.91 8.47 23.70
N PRO B 544 29.68 8.54 24.21
CA PRO B 544 28.73 7.45 23.96
C PRO B 544 28.41 7.32 22.49
N LYS B 545 28.65 6.12 21.97
CA LYS B 545 28.53 5.81 20.56
C LYS B 545 27.70 4.54 20.40
N THR B 546 27.15 4.38 19.21
CA THR B 546 26.60 3.09 18.81
C THR B 546 27.73 2.16 18.40
N SER B 547 27.38 0.90 18.19
CA SER B 547 28.38 -0.07 17.74
C SER B 547 28.99 0.34 16.41
N SER B 548 28.20 0.98 15.55
CA SER B 548 28.67 1.43 14.25
C SER B 548 29.51 2.71 14.33
N GLY B 549 29.56 3.35 15.49
CA GLY B 549 30.31 4.58 15.69
C GLY B 549 29.46 5.85 15.73
N LYS B 550 28.17 5.74 15.47
CA LYS B 550 27.34 6.96 15.41
C LYS B 550 27.20 7.51 16.83
N ILE B 551 27.28 8.83 16.98
CA ILE B 551 27.18 9.46 18.32
C ILE B 551 25.77 9.26 18.89
N ARG B 552 25.67 8.96 20.18
CA ARG B 552 24.35 8.88 20.86
C ARG B 552 24.19 10.17 21.67
N ARG B 553 23.66 11.20 21.02
CA ARG B 553 23.52 12.51 21.65
C ARG B 553 22.67 12.45 22.92
N HIS B 554 21.53 11.76 22.87
CA HIS B 554 20.71 11.64 24.07
C HIS B 554 21.50 10.98 25.21
N ALA B 555 22.42 10.09 24.89
CA ALA B 555 23.20 9.40 25.92
C ALA B 555 24.32 10.29 26.48
N CYS B 556 24.85 11.20 25.67
CA CYS B 556 25.74 12.23 26.20
C CYS B 556 25.01 13.10 27.22
N LYS B 557 23.79 13.53 26.90
CA LYS B 557 22.98 14.30 27.84
C LYS B 557 22.71 13.53 29.12
N ALA B 558 22.36 12.24 29.00
CA ALA B 558 22.12 11.42 30.18
C ALA B 558 23.39 11.26 31.02
N GLY B 559 24.53 11.07 30.36
CA GLY B 559 25.79 10.96 31.06
C GLY B 559 26.23 12.28 31.66
N PHE B 560 25.89 13.39 31.01
CA PHE B 560 26.13 14.70 31.60
C PHE B 560 25.32 14.88 32.87
N LEU B 561 24.09 14.36 32.88
CA LEU B 561 23.20 14.49 34.04
C LEU B 561 23.37 13.40 35.09
N ASP B 562 24.01 12.27 34.78
CA ASP B 562 24.22 11.22 35.78
C ASP B 562 25.67 11.03 36.20
N GLY B 563 26.60 11.85 35.69
CA GLY B 563 27.97 11.78 36.20
C GLY B 563 28.80 10.61 35.72
N SER B 564 28.48 10.02 34.57
CA SER B 564 29.17 8.85 34.04
C SER B 564 30.04 9.12 32.82
N LEU B 565 30.16 10.36 32.37
CA LEU B 565 31.11 10.66 31.31
C LEU B 565 32.55 10.57 31.83
N ALA B 566 33.47 10.29 30.91
CA ALA B 566 34.91 10.20 31.23
C ALA B 566 35.55 11.59 31.14
N VAL B 567 35.25 12.41 32.15
CA VAL B 567 35.57 13.83 32.08
C VAL B 567 37.06 14.09 32.25
N VAL B 568 37.58 15.05 31.50
CA VAL B 568 38.93 15.56 31.68
C VAL B 568 38.94 17.05 31.98
N GLY B 569 37.84 17.76 31.76
CA GLY B 569 37.71 19.15 32.11
C GLY B 569 36.25 19.55 31.98
N GLU B 570 35.90 20.65 32.65
CA GLU B 570 34.52 21.10 32.65
C GLU B 570 34.48 22.61 32.74
N TRP B 571 33.66 23.24 31.90
CA TRP B 571 33.39 24.66 32.00
C TRP B 571 31.90 24.86 32.22
N GLN B 572 31.57 25.73 33.17
CA GLN B 572 30.19 26.11 33.48
C GLN B 572 30.20 27.50 34.12
P1 POP C . -21.02 -11.70 -5.21
O1 POP C . -21.89 -11.69 -4.01
O2 POP C . -21.02 -13.02 -5.89
O3 POP C . -19.64 -11.19 -4.94
O POP C . -21.68 -10.70 -6.27
P2 POP C . -21.31 -9.25 -6.82
O4 POP C . -21.65 -8.29 -5.73
O5 POP C . -19.86 -9.29 -7.13
O6 POP C . -22.16 -9.09 -8.02
C15 1T1 D . -20.45 -1.85 -9.10
C17 1T1 D . -18.81 -0.32 -10.19
C20 1T1 D . -19.25 2.80 -10.78
C21 1T1 D . -18.87 4.26 -10.73
C22 1T1 D . -20.08 5.17 -10.82
C24 1T1 D . -20.13 7.41 -9.65
C26 1T1 D . -21.23 9.65 -9.29
C28 1T1 D . -22.03 12.00 -9.48
C02 1T1 D . -18.16 -3.97 -15.99
C03 1T1 D . -18.48 -4.35 -14.68
C04 1T1 D . -18.73 -5.67 -14.44
C06 1T1 D . -19.31 -7.01 -12.48
C08 1T1 D . -19.10 -7.40 -10.06
C09 1T1 D . -19.14 -6.68 -8.73
C14 1T1 D . -20.48 -3.35 -8.86
C16 1T1 D . -19.73 -1.51 -10.40
C18 1T1 D . -18.57 0.49 -11.45
C19 1T1 D . -18.09 1.87 -11.09
C23 1T1 D . -20.35 5.90 -9.52
C25 1T1 D . -21.44 8.20 -9.68
C27 1T1 D . -22.45 10.54 -9.42
C29 1T1 D . -23.14 12.99 -9.16
C30 1T1 D . -22.61 14.42 -9.02
C31 1T1 D . -23.73 15.45 -9.11
C34 1T1 D . -17.93 -7.20 -10.58
C36 1T1 D . -18.17 -7.58 -12.17
C38 1T1 D . -18.93 -4.56 -12.60
C41 1T1 D . -18.37 -6.16 -16.65
N01 1T1 D . -17.88 -2.61 -16.34
N05 1T1 D . -19.01 -5.76 -13.15
N39 1T1 D . -18.61 -3.69 -13.53
N40 1T1 D . -18.66 -6.54 -15.43
N42 1T1 D . -18.11 -4.90 -16.92
O07 1T1 D . -20.04 -6.75 -11.11
O10 1T1 D . -20.46 -6.42 -8.39
O12 1T1 D . -22.05 -5.55 -6.58
O13 1T1 D . -20.37 -3.85 -7.54
O32 1T1 D . -20.60 -4.03 -9.80
O33 1T1 D . -19.69 -5.82 -6.04
O35 1T1 D . -17.00 -8.05 -9.93
O37 1T1 D . -18.24 -8.99 -12.33
P11 1T1 D . -20.66 -5.42 -7.12
MG MG E . -18.22 -10.30 -5.96
C ACT F . -7.37 0.93 5.61
O ACT F . -8.06 0.20 6.37
OXT ACT F . -7.77 1.70 4.70
CH3 ACT F . -5.85 0.88 5.82
P1 POP G . 17.93 4.91 16.07
O1 POP G . 18.20 3.78 16.99
O2 POP G . 16.82 4.66 15.10
O3 POP G . 17.79 6.21 16.77
O POP G . 19.25 5.11 15.20
P2 POP G . 19.46 5.14 13.62
O4 POP G . 19.38 3.71 13.20
O5 POP G . 18.34 5.98 13.06
O6 POP G . 20.80 5.74 13.38
C15 1T1 H . 20.96 3.66 6.01
C17 1T1 H . 20.60 4.29 3.62
C20 1T1 H . 22.11 3.23 0.89
C21 1T1 H . 22.02 2.51 -0.45
C22 1T1 H . 23.29 1.72 -0.72
C24 1T1 H . 24.40 -0.20 -1.90
C26 1T1 H . 25.71 -1.40 -3.65
C28 1T1 H . 26.07 -3.07 -5.49
C02 1T1 H . 21.42 11.18 4.51
C03 1T1 H . 21.11 10.18 5.44
C04 1T1 H . 20.93 10.53 6.75
C06 1T1 H . 20.40 9.34 8.83
C08 1T1 H . 19.15 7.50 9.85
C09 1T1 H . 18.87 6.01 9.76
C14 1T1 H . 20.82 4.21 7.41
C16 1T1 H . 21.19 4.73 4.95
C18 1T1 H . 21.17 5.00 2.41
C19 1T1 H . 20.93 4.17 1.15
C23 1T1 H . 23.08 0.52 -1.63
C25 1T1 H . 24.34 -1.24 -3.00
C27 1T1 H . 26.06 -2.83 -3.99
C29 1T1 H . 27.42 -3.59 -5.96
C30 1T1 H . 27.29 -4.59 -7.08
C31 1T1 H . 28.55 -5.43 -7.19
C34 1T1 H . 18.42 8.12 8.99
C36 1T1 H . 19.13 9.61 9.02
C38 1T1 H . 20.67 8.41 6.56
C41 1T1 H . 21.33 12.72 6.20
N01 1T1 H . 21.61 10.87 3.12
N05 1T1 H . 20.67 9.41 7.40
N39 1T1 H . 20.95 8.86 5.35
N40 1T1 H . 21.05 11.82 7.10
N42 1T1 H . 21.51 12.41 4.94
O07 1T1 H . 20.59 7.87 9.38
O10 1T1 H . 19.96 5.29 10.24
O12 1T1 H . 20.82 2.99 10.95
O13 1T1 H . 20.46 3.32 8.44
O32 1T1 H . 21.03 5.36 7.58
O33 1T1 H . 18.54 3.16 10.19
O35 1T1 H . 17.07 8.18 9.42
O37 1T1 H . 18.91 10.18 10.30
P11 1T1 H . 19.93 3.69 9.97
MG MG I . 16.38 5.81 13.53
C ACT J . 4.39 -6.94 4.19
O ACT J . 4.25 -7.61 5.24
OXT ACT J . 5.46 -6.52 3.66
CH3 ACT J . 3.07 -6.57 3.42
#